data_5XOQ
#
_entry.id   5XOQ
#
_cell.length_a   55.041
_cell.length_b   99.686
_cell.length_c   125.884
_cell.angle_alpha   90.00
_cell.angle_beta   90.00
_cell.angle_gamma   90.00
#
_symmetry.space_group_name_H-M   'P 2 21 21'
#
loop_
_entity.id
_entity.type
_entity.pdbx_description
1 polymer 'Cysteine synthase'
2 polymer GLY-PHE-SER-GLY-GLY-ASP-GLY-ILE
3 non-polymer DI(HYDROXYETHYL)ETHER
4 water water
#
loop_
_entity_poly.entity_id
_entity_poly.type
_entity_poly.pdbx_seq_one_letter_code
_entity_poly.pdbx_strand_id
1 'polypeptide(L)'
;HMPIFKDNSESIGRTPLVQINRLTAGLSSRVLAKIEGRNPAYSV(LLP)CRIGAAMIWDAEQSGKLKPGMHVVEPTSGNT
GIALAFVCAARGYKLTLTMPETMSIERRMMLKSFGADLVLTPGADGMKGAISKAEELAAQPGWFIPQQFKNPANPAIHVK
TTGPEIWNDTEGQVDVFVAGVGTGGTITGVARFLKHEKKHPVHVVAVEPAASPVLAGGPAGRHKIQGIGAGFVPDTFDRS
VVDEILSVTDDEAIETARKLAMEEGISCGISCGAAMAGALKVAARPEFAGKTIVTVLPDAGERYLSTALFENLR
;
A,B
2 'polypeptide(L)' GFSGGDGI C,D
#
loop_
_chem_comp.id
_chem_comp.type
_chem_comp.name
_chem_comp.formula
PEG non-polymer DI(HYDROXYETHYL)ETHER 'C4 H10 O3'
#
# COMPACT_ATOMS: atom_id res chain seq x y z
N HIS A 1 -2.01 12.00 -17.07
CA HIS A 1 -1.65 10.63 -16.75
C HIS A 1 -0.32 10.57 -16.03
N MET A 2 0.02 9.39 -15.52
CA MET A 2 1.35 9.22 -14.94
C MET A 2 2.31 8.70 -15.98
N PRO A 3 3.61 8.96 -15.82
CA PRO A 3 4.60 8.36 -16.73
C PRO A 3 4.74 6.88 -16.46
N ILE A 4 5.43 6.21 -17.38
CA ILE A 4 5.91 4.86 -17.14
C ILE A 4 7.19 4.99 -16.30
N PHE A 5 7.21 4.39 -15.13
CA PHE A 5 8.37 4.48 -14.25
C PHE A 5 9.41 3.46 -14.63
N LYS A 6 10.65 3.92 -14.81
CA LYS A 6 11.69 3.05 -15.36
C LYS A 6 12.20 2.05 -14.33
N ASP A 7 12.03 2.33 -13.04
CA ASP A 7 12.16 1.32 -11.99
C ASP A 7 11.26 1.76 -10.84
N ASN A 8 11.13 0.91 -9.82
CA ASN A 8 10.15 1.20 -8.78
C ASN A 8 10.50 2.44 -7.96
N SER A 9 11.77 2.84 -7.90
CA SER A 9 12.12 4.01 -7.09
C SER A 9 11.52 5.27 -7.68
N GLU A 10 11.35 5.31 -9.01
CA GLU A 10 10.79 6.49 -9.64
C GLU A 10 9.32 6.67 -9.33
N SER A 11 8.63 5.64 -8.83
CA SER A 11 7.19 5.71 -8.66
C SER A 11 6.78 6.31 -7.32
N ILE A 12 7.72 6.88 -6.56
CA ILE A 12 7.41 7.37 -5.22
C ILE A 12 6.33 8.44 -5.26
N GLY A 13 5.61 8.58 -4.14
CA GLY A 13 4.73 9.72 -3.97
C GLY A 13 3.47 9.67 -4.82
N ARG A 14 3.00 10.87 -5.17
CA ARG A 14 1.71 11.09 -5.84
C ARG A 14 0.57 10.45 -5.05
N THR A 15 0.58 10.69 -3.72
CA THR A 15 -0.34 10.07 -2.79
C THR A 15 -1.61 10.91 -2.67
N PRO A 16 -2.74 10.29 -2.36
CA PRO A 16 -4.00 11.04 -2.36
C PRO A 16 -4.25 11.76 -1.05
N LEU A 17 -5.04 12.82 -1.15
CA LEU A 17 -5.59 13.52 -0.01
C LEU A 17 -7.04 13.07 0.18
N VAL A 18 -7.38 12.62 1.39
CA VAL A 18 -8.71 12.11 1.68
C VAL A 18 -9.33 12.94 2.80
N GLN A 19 -10.54 13.43 2.57
CA GLN A 19 -11.24 14.21 3.57
C GLN A 19 -11.74 13.31 4.70
N ILE A 20 -11.53 13.76 5.95
CA ILE A 20 -11.98 13.07 7.15
C ILE A 20 -13.38 13.58 7.50
N ASN A 21 -14.33 12.66 7.74
CA ASN A 21 -15.75 13.02 7.83
C ASN A 21 -16.40 12.74 9.17
N ARG A 22 -16.08 11.61 9.81
CA ARG A 22 -16.76 11.27 11.06
C ARG A 22 -15.95 11.69 12.29
N LEU A 23 -14.62 11.52 12.25
CA LEU A 23 -13.79 12.05 13.33
C LEU A 23 -13.86 13.57 13.43
N THR A 24 -14.33 14.23 12.38
CA THR A 24 -14.47 15.68 12.33
C THR A 24 -15.90 16.17 12.52
N ALA A 25 -16.84 15.26 12.83
CA ALA A 25 -18.25 15.65 12.94
C ALA A 25 -18.40 16.78 13.96
N GLY A 26 -19.08 17.85 13.55
CA GLY A 26 -19.29 18.99 14.41
C GLY A 26 -18.25 20.08 14.27
N LEU A 27 -17.19 19.85 13.50
CA LEU A 27 -16.23 20.89 13.22
C LEU A 27 -16.69 21.72 12.03
N SER A 28 -16.26 22.98 12.01
CA SER A 28 -16.46 23.85 10.86
C SER A 28 -15.23 23.93 9.98
N SER A 29 -14.12 23.35 10.41
CA SER A 29 -12.92 23.25 9.59
C SER A 29 -12.99 22.01 8.72
N ARG A 30 -11.97 21.83 7.88
CA ARG A 30 -11.84 20.67 7.00
C ARG A 30 -10.49 20.02 7.28
N VAL A 31 -10.48 18.70 7.45
CA VAL A 31 -9.26 17.95 7.73
C VAL A 31 -9.03 16.99 6.57
N LEU A 32 -7.86 17.07 5.95
CA LEU A 32 -7.47 16.24 4.83
C LEU A 32 -6.25 15.44 5.22
N ALA A 33 -6.29 14.13 4.97
CA ALA A 33 -5.22 13.22 5.34
C ALA A 33 -4.51 12.76 4.08
N LYS A 34 -3.18 12.87 4.05
CA LYS A 34 -2.38 12.46 2.92
C LYS A 34 -1.87 11.04 3.16
N ILE A 35 -2.18 10.13 2.25
CA ILE A 35 -2.08 8.69 2.51
C ILE A 35 -0.73 8.23 1.99
N GLU A 36 0.29 8.32 2.84
CA GLU A 36 1.64 7.95 2.45
C GLU A 36 1.88 6.44 2.50
N GLY A 37 0.94 5.68 3.04
CA GLY A 37 1.01 4.23 2.89
C GLY A 37 0.94 3.78 1.45
N ARG A 38 0.46 4.65 0.56
CA ARG A 38 0.35 4.29 -0.86
C ARG A 38 1.62 4.73 -1.60
N ASN A 39 2.70 4.05 -1.26
CA ASN A 39 4.02 4.30 -1.80
C ASN A 39 4.60 2.98 -2.26
N PRO A 40 5.68 2.98 -3.05
CA PRO A 40 6.14 1.72 -3.66
C PRO A 40 6.52 0.63 -2.66
N ALA A 41 7.02 0.98 -1.47
CA ALA A 41 7.16 0.01 -0.38
C ALA A 41 6.38 0.47 0.85
N TYR A 42 5.29 1.21 0.61
CA TYR A 42 4.16 1.41 1.52
C TYR A 42 4.50 2.26 2.74
N SER A 43 5.34 3.29 2.57
CA SER A 43 5.44 4.31 3.61
C SER A 43 6.03 5.59 3.02
N VAL A 44 5.86 6.68 3.78
CA VAL A 44 6.43 7.97 3.42
C VAL A 44 7.94 7.89 3.22
N1 LLP A 45 5.81 7.81 11.09
C2 LLP A 45 6.46 6.76 10.55
C2' LLP A 45 5.82 5.40 10.63
C3 LLP A 45 7.69 6.94 9.93
O3 LLP A 45 8.36 5.86 9.38
C4 LLP A 45 8.28 8.24 9.88
C4' LLP A 45 9.61 8.48 9.20
C5 LLP A 45 7.55 9.31 10.45
C6 LLP A 45 6.31 9.04 11.05
C5' LLP A 45 8.06 10.74 10.47
OP4 LLP A 45 8.41 11.25 9.23
P LLP A 45 9.70 12.17 9.12
OP1 LLP A 45 10.96 11.39 9.33
OP2 LLP A 45 9.66 12.86 7.73
OP3 LLP A 45 9.68 13.17 10.22
N LLP A 45 8.62 6.97 3.91
CA LLP A 45 10.07 6.87 3.85
CB LLP A 45 10.71 5.90 4.84
CG LLP A 45 10.52 6.31 6.28
CD LLP A 45 11.21 7.62 6.59
CE LLP A 45 11.53 7.75 8.09
NZ LLP A 45 10.43 7.31 8.96
C LLP A 45 10.51 6.52 2.47
O LLP A 45 11.66 6.81 2.11
N CYS A 46 9.65 5.90 1.66
CA CYS A 46 10.05 5.56 0.29
C CYS A 46 10.57 6.81 -0.45
N ARG A 47 9.97 7.96 -0.20
CA ARG A 47 10.41 9.21 -0.83
C ARG A 47 11.89 9.49 -0.54
N ILE A 48 12.30 9.35 0.73
CA ILE A 48 13.68 9.71 1.05
C ILE A 48 14.65 8.57 0.78
N GLY A 49 14.19 7.31 0.84
CA GLY A 49 15.04 6.22 0.37
C GLY A 49 15.46 6.40 -1.08
N ALA A 50 14.48 6.75 -1.94
CA ALA A 50 14.81 7.05 -3.33
C ALA A 50 15.70 8.29 -3.44
N ALA A 51 15.30 9.39 -2.80
CA ALA A 51 16.01 10.65 -2.99
C ALA A 51 17.43 10.58 -2.46
N MET A 52 17.66 9.95 -1.30
CA MET A 52 19.02 9.87 -0.80
C MET A 52 19.92 9.03 -1.70
N ILE A 53 19.39 7.97 -2.31
CA ILE A 53 20.18 7.18 -3.23
C ILE A 53 20.46 7.97 -4.51
N TRP A 54 19.42 8.60 -5.09
CA TRP A 54 19.60 9.39 -6.30
C TRP A 54 20.62 10.50 -6.08
N ASP A 55 20.48 11.22 -4.96
CA ASP A 55 21.37 12.33 -4.69
C ASP A 55 22.83 11.86 -4.61
N ALA A 56 23.05 10.69 -4.03
CA ALA A 56 24.42 10.18 -3.90
C ALA A 56 24.97 9.69 -5.22
N GLU A 57 24.10 9.16 -6.07
CA GLU A 57 24.49 8.86 -7.44
C GLU A 57 24.94 10.12 -8.17
N GLN A 58 24.17 11.20 -8.01
CA GLN A 58 24.47 12.46 -8.69
C GLN A 58 25.79 13.06 -8.22
N SER A 59 26.06 12.98 -6.91
CA SER A 59 27.27 13.57 -6.37
C SER A 59 28.50 12.68 -6.51
N GLY A 60 28.33 11.42 -6.92
CA GLY A 60 29.45 10.50 -6.94
C GLY A 60 29.80 9.85 -5.62
N LYS A 61 29.01 10.09 -4.57
CA LYS A 61 29.17 9.36 -3.31
C LYS A 61 28.74 7.90 -3.43
N LEU A 62 27.96 7.56 -4.45
CA LEU A 62 27.47 6.20 -4.64
C LEU A 62 27.64 5.84 -6.12
N LYS A 63 28.37 4.76 -6.37
CA LYS A 63 28.69 4.28 -7.71
C LYS A 63 28.23 2.84 -7.83
N PRO A 64 27.98 2.36 -9.06
CA PRO A 64 27.63 0.94 -9.23
C PRO A 64 28.67 0.05 -8.56
N GLY A 65 28.19 -1.00 -7.93
CA GLY A 65 29.04 -1.92 -7.23
C GLY A 65 29.35 -1.54 -5.79
N MET A 66 29.09 -0.30 -5.39
CA MET A 66 29.32 0.08 -4.01
C MET A 66 28.24 -0.50 -3.09
N HIS A 67 28.53 -0.45 -1.79
CA HIS A 67 27.71 -1.06 -0.76
C HIS A 67 27.06 0.05 0.06
N VAL A 68 25.74 -0.03 0.27
CA VAL A 68 24.98 0.92 1.08
C VAL A 68 24.82 0.35 2.48
N VAL A 69 24.96 1.20 3.50
CA VAL A 69 24.71 0.79 4.89
C VAL A 69 24.00 1.92 5.61
N GLU A 70 23.03 1.57 6.48
CA GLU A 70 22.34 2.57 7.28
C GLU A 70 21.87 1.89 8.57
N PRO A 71 21.95 2.56 9.73
CA PRO A 71 21.31 2.02 10.93
C PRO A 71 19.86 2.45 11.00
N THR A 72 18.94 1.49 10.95
CA THR A 72 17.53 1.83 11.02
C THR A 72 16.71 0.59 11.36
N SER A 73 15.83 0.73 12.35
CA SER A 73 14.88 -0.31 12.73
C SER A 73 13.45 0.07 12.35
N GLY A 74 13.27 0.99 11.41
CA GLY A 74 11.96 1.43 10.99
C GLY A 74 11.81 1.43 9.48
N ASN A 75 10.86 2.25 9.02
CA ASN A 75 10.51 2.26 7.60
C ASN A 75 11.65 2.71 6.69
N THR A 76 12.61 3.50 7.19
CA THR A 76 13.72 3.89 6.33
C THR A 76 14.48 2.67 5.81
N GLY A 77 14.59 1.62 6.63
CA GLY A 77 15.24 0.41 6.16
C GLY A 77 14.49 -0.25 5.03
N ILE A 78 13.15 -0.32 5.14
CA ILE A 78 12.34 -0.88 4.06
C ILE A 78 12.46 -0.02 2.82
N ALA A 79 12.46 1.30 2.98
CA ALA A 79 12.61 2.20 1.85
C ALA A 79 13.94 1.97 1.13
N LEU A 80 15.05 1.97 1.88
CA LEU A 80 16.35 1.73 1.25
C LEU A 80 16.40 0.35 0.61
N ALA A 81 15.78 -0.64 1.25
CA ALA A 81 15.83 -2.00 0.72
C ALA A 81 15.20 -2.10 -0.65
N PHE A 82 14.00 -1.55 -0.83
CA PHE A 82 13.35 -1.68 -2.13
C PHE A 82 14.10 -0.87 -3.18
N VAL A 83 14.64 0.30 -2.80
CA VAL A 83 15.39 1.11 -3.75
C VAL A 83 16.66 0.39 -4.18
N CYS A 84 17.39 -0.19 -3.23
CA CYS A 84 18.62 -0.88 -3.62
C CYS A 84 18.32 -2.13 -4.43
N ALA A 85 17.18 -2.79 -4.19
CA ALA A 85 16.80 -3.91 -5.05
C ALA A 85 16.47 -3.43 -6.46
N ALA A 86 15.75 -2.31 -6.55
CA ALA A 86 15.34 -1.79 -7.85
C ALA A 86 16.52 -1.26 -8.66
N ARG A 87 17.51 -0.66 -8.00
CA ARG A 87 18.61 0.00 -8.67
C ARG A 87 19.90 -0.80 -8.63
N GLY A 88 19.93 -1.94 -7.95
CA GLY A 88 21.06 -2.85 -8.06
C GLY A 88 22.21 -2.66 -7.09
N TYR A 89 21.96 -2.15 -5.88
CA TYR A 89 23.00 -1.98 -4.88
C TYR A 89 22.92 -3.03 -3.80
N LYS A 90 24.07 -3.55 -3.38
CA LYS A 90 24.15 -4.34 -2.15
C LYS A 90 23.82 -3.43 -0.96
N LEU A 91 22.95 -3.89 -0.08
CA LEU A 91 22.52 -3.10 1.07
C LEU A 91 22.71 -3.90 2.35
N THR A 92 23.33 -3.26 3.35
CA THR A 92 23.38 -3.77 4.71
C THR A 92 22.65 -2.80 5.62
N LEU A 93 21.79 -3.34 6.51
CA LEU A 93 21.12 -2.54 7.52
C LEU A 93 21.54 -3.05 8.89
N THR A 94 21.87 -2.13 9.80
CA THR A 94 22.08 -2.47 11.20
C THR A 94 20.89 -2.02 12.03
N MET A 95 20.61 -2.78 13.08
CA MET A 95 19.46 -2.51 13.92
C MET A 95 19.59 -3.35 15.19
N PRO A 96 19.08 -2.88 16.32
CA PRO A 96 19.07 -3.71 17.51
C PRO A 96 18.27 -4.98 17.24
N GLU A 97 18.68 -6.07 17.89
CA GLU A 97 17.98 -7.34 17.71
C GLU A 97 16.55 -7.31 18.26
N THR A 98 16.11 -6.19 18.85
CA THR A 98 14.74 -6.05 19.28
C THR A 98 13.76 -5.86 18.12
N MET A 99 14.24 -5.60 16.89
CA MET A 99 13.33 -5.36 15.77
C MET A 99 12.54 -6.62 15.45
N SER A 100 11.26 -6.43 15.13
CA SER A 100 10.33 -7.54 14.96
C SER A 100 10.75 -8.47 13.83
N ILE A 101 10.33 -9.73 13.95
CA ILE A 101 10.65 -10.71 12.91
C ILE A 101 9.98 -10.33 11.60
N GLU A 102 8.75 -9.83 11.65
CA GLU A 102 8.04 -9.45 10.43
C GLU A 102 8.83 -8.42 9.63
N ARG A 103 9.39 -7.41 10.31
CA ARG A 103 10.17 -6.41 9.58
C ARG A 103 11.44 -7.01 9.02
N ARG A 104 12.06 -7.92 9.76
CA ARG A 104 13.24 -8.62 9.25
C ARG A 104 12.91 -9.39 7.97
N MET A 105 11.76 -10.07 7.94
CA MET A 105 11.38 -10.84 6.76
C MET A 105 11.16 -9.92 5.56
N MET A 106 10.47 -8.80 5.79
CA MET A 106 10.26 -7.83 4.72
C MET A 106 11.59 -7.34 4.15
N LEU A 107 12.52 -6.99 5.02
CA LEU A 107 13.83 -6.52 4.55
C LEU A 107 14.57 -7.60 3.78
N LYS A 108 14.55 -8.83 4.28
CA LYS A 108 15.25 -9.93 3.61
C LYS A 108 14.61 -10.25 2.26
N SER A 109 13.31 -10.02 2.10
CA SER A 109 12.66 -10.28 0.81
C SER A 109 13.22 -9.39 -0.28
N PHE A 110 13.75 -8.22 0.08
CA PHE A 110 14.44 -7.33 -0.85
C PHE A 110 15.93 -7.65 -0.96
N GLY A 111 16.41 -8.69 -0.26
CA GLY A 111 17.82 -9.04 -0.33
C GLY A 111 18.73 -8.16 0.50
N ALA A 112 18.19 -7.45 1.48
CA ALA A 112 19.02 -6.69 2.39
C ALA A 112 19.74 -7.61 3.36
N ASP A 113 21.01 -7.31 3.62
CA ASP A 113 21.77 -8.00 4.65
C ASP A 113 21.54 -7.30 5.97
N LEU A 114 21.15 -8.07 6.99
CA LEU A 114 20.84 -7.49 8.30
C LEU A 114 21.99 -7.78 9.27
N VAL A 115 22.44 -6.75 9.97
CA VAL A 115 23.39 -6.91 11.07
C VAL A 115 22.67 -6.54 12.35
N LEU A 116 22.32 -7.53 13.17
CA LEU A 116 21.59 -7.29 14.40
C LEU A 116 22.59 -7.00 15.51
N THR A 117 22.44 -5.85 16.16
CA THR A 117 23.33 -5.48 17.24
C THR A 117 22.66 -5.79 18.58
N PRO A 118 23.42 -5.85 19.68
CA PRO A 118 22.83 -6.25 20.97
C PRO A 118 21.68 -5.34 21.41
N GLY A 119 20.58 -5.95 21.85
CA GLY A 119 19.47 -5.17 22.36
C GLY A 119 19.87 -4.25 23.50
N ALA A 120 20.78 -4.73 24.36
CA ALA A 120 21.26 -3.95 25.49
C ALA A 120 21.91 -2.63 25.07
N ASP A 121 22.44 -2.54 23.85
CA ASP A 121 23.10 -1.32 23.39
C ASP A 121 22.18 -0.41 22.60
N GLY A 122 20.94 -0.83 22.36
CA GLY A 122 19.92 0.00 21.75
C GLY A 122 20.32 0.53 20.37
N MET A 123 19.69 1.65 20.01
CA MET A 123 19.96 2.24 18.70
C MET A 123 21.40 2.73 18.61
N LYS A 124 21.99 3.17 19.72
CA LYS A 124 23.38 3.62 19.68
C LYS A 124 24.31 2.50 19.23
N GLY A 125 24.05 1.27 19.69
CA GLY A 125 24.83 0.14 19.22
C GLY A 125 24.67 -0.08 17.72
N ALA A 126 23.45 0.04 17.21
CA ALA A 126 23.24 -0.10 15.77
C ALA A 126 23.98 0.99 15.01
N ILE A 127 23.92 2.24 15.49
CA ILE A 127 24.54 3.36 14.80
C ILE A 127 26.05 3.18 14.74
N SER A 128 26.67 2.80 15.87
CA SER A 128 28.11 2.68 15.88
C SER A 128 28.58 1.57 14.94
N LYS A 129 27.83 0.46 14.88
CA LYS A 129 28.18 -0.61 13.96
C LYS A 129 28.07 -0.15 12.50
N ALA A 130 27.01 0.60 12.17
CA ALA A 130 26.87 1.08 10.80
C ALA A 130 27.96 2.08 10.45
N GLU A 131 28.32 2.96 11.39
CA GLU A 131 29.40 3.91 11.13
C GLU A 131 30.72 3.19 10.89
N GLU A 132 30.99 2.12 11.65
CA GLU A 132 32.18 1.32 11.43
C GLU A 132 32.16 0.64 10.06
N LEU A 133 31.04 0.08 9.67
CA LEU A 133 30.93 -0.54 8.35
C LEU A 133 31.08 0.51 7.25
N ALA A 134 30.47 1.69 7.45
CA ALA A 134 30.50 2.75 6.45
C ALA A 134 31.91 3.29 6.21
N ALA A 135 32.81 3.17 7.18
CA ALA A 135 34.18 3.67 7.00
C ALA A 135 35.00 2.80 6.04
N GLN A 136 34.49 1.64 5.66
CA GLN A 136 35.21 0.83 4.68
C GLN A 136 35.18 1.52 3.31
N PRO A 137 36.30 1.51 2.58
CA PRO A 137 36.27 2.03 1.21
C PRO A 137 35.20 1.33 0.38
N GLY A 138 34.48 2.10 -0.41
CA GLY A 138 33.43 1.53 -1.24
C GLY A 138 32.08 1.41 -0.56
N TRP A 139 31.93 1.91 0.67
CA TRP A 139 30.67 1.84 1.39
C TRP A 139 30.08 3.24 1.56
N PHE A 140 28.78 3.36 1.33
CA PHE A 140 28.09 4.65 1.39
C PHE A 140 27.00 4.59 2.45
N ILE A 141 26.90 5.63 3.28
CA ILE A 141 25.92 5.69 4.36
C ILE A 141 25.05 6.93 4.17
N PRO A 142 23.72 6.79 4.02
CA PRO A 142 22.90 7.97 3.66
C PRO A 142 22.67 8.96 4.81
N GLN A 143 22.62 8.49 6.06
CA GLN A 143 22.46 9.35 7.24
C GLN A 143 21.11 10.09 7.21
N GLN A 144 20.04 9.34 7.48
CA GLN A 144 18.69 9.91 7.34
C GLN A 144 18.44 11.11 8.25
N PHE A 145 19.15 11.26 9.38
CA PHE A 145 18.90 12.38 10.28
C PHE A 145 19.75 13.61 9.96
N LYS A 146 20.60 13.53 8.94
CA LYS A 146 21.45 14.65 8.55
C LYS A 146 21.36 15.02 7.08
N ASN A 147 20.87 14.13 6.22
CA ASN A 147 21.04 14.27 4.78
C ASN A 147 20.05 15.31 4.24
N PRO A 148 20.51 16.44 3.70
CA PRO A 148 19.56 17.44 3.17
C PRO A 148 18.65 16.91 2.06
N ALA A 149 19.02 15.81 1.40
CA ALA A 149 18.15 15.25 0.37
C ALA A 149 16.84 14.72 0.95
N ASN A 150 16.79 14.49 2.27
CA ASN A 150 15.60 14.03 2.95
C ASN A 150 14.55 15.14 2.92
N PRO A 151 14.74 16.29 3.59
CA PRO A 151 13.72 17.34 3.43
C PRO A 151 13.60 17.84 2.00
N ALA A 152 14.65 17.75 1.17
CA ALA A 152 14.55 18.30 -0.18
C ALA A 152 13.55 17.55 -1.03
N ILE A 153 13.41 16.23 -0.86
CA ILE A 153 12.46 15.53 -1.71
C ILE A 153 11.04 15.90 -1.32
N HIS A 154 10.81 16.30 -0.05
CA HIS A 154 9.49 16.77 0.34
C HIS A 154 9.21 18.19 -0.20
N VAL A 155 10.24 19.01 -0.38
CA VAL A 155 10.07 20.28 -1.06
C VAL A 155 9.66 20.05 -2.51
N LYS A 156 10.22 19.02 -3.12
CA LYS A 156 10.03 18.75 -4.55
C LYS A 156 8.80 17.90 -4.84
N THR A 157 8.31 17.11 -3.88
CA THR A 157 7.21 16.21 -4.20
C THR A 157 6.05 16.41 -3.22
N THR A 158 6.27 16.10 -1.94
CA THR A 158 5.17 16.09 -0.97
C THR A 158 4.47 17.45 -0.91
N GLY A 159 5.25 18.52 -0.78
CA GLY A 159 4.71 19.86 -0.70
C GLY A 159 3.88 20.26 -1.91
N PRO A 160 4.47 20.15 -3.11
CA PRO A 160 3.72 20.46 -4.33
C PRO A 160 2.45 19.63 -4.49
N GLU A 161 2.48 18.35 -4.14
CA GLU A 161 1.26 17.53 -4.23
C GLU A 161 0.15 18.10 -3.36
N ILE A 162 0.50 18.52 -2.14
CA ILE A 162 -0.48 19.13 -1.24
C ILE A 162 -0.99 20.44 -1.84
N TRP A 163 -0.07 21.29 -2.31
CA TRP A 163 -0.48 22.56 -2.89
C TRP A 163 -1.37 22.35 -4.10
N ASN A 164 -0.96 21.47 -5.02
CA ASN A 164 -1.72 21.29 -6.25
C ASN A 164 -3.07 20.65 -5.99
N ASP A 165 -3.12 19.61 -5.14
CA ASP A 165 -4.38 18.90 -4.92
C ASP A 165 -5.40 19.76 -4.17
N THR A 166 -4.94 20.63 -3.26
CA THR A 166 -5.85 21.54 -2.58
C THR A 166 -6.10 22.82 -3.36
N GLU A 167 -5.40 23.03 -4.47
CA GLU A 167 -5.49 24.26 -5.23
C GLU A 167 -5.20 25.47 -4.34
N GLY A 168 -4.13 25.34 -3.56
CA GLY A 168 -3.68 26.41 -2.69
C GLY A 168 -4.48 26.61 -1.43
N GLN A 169 -5.41 25.70 -1.11
CA GLN A 169 -6.27 25.84 0.06
C GLN A 169 -5.71 24.98 1.19
N VAL A 170 -4.72 25.54 1.90
CA VAL A 170 -4.13 24.87 3.04
C VAL A 170 -3.70 25.91 4.08
N ASP A 171 -4.29 25.84 5.26
CA ASP A 171 -4.05 26.84 6.29
C ASP A 171 -3.26 26.32 7.47
N VAL A 172 -3.24 25.01 7.67
CA VAL A 172 -2.57 24.34 8.78
C VAL A 172 -1.95 23.07 8.23
N PHE A 173 -0.74 22.75 8.66
CA PHE A 173 -0.11 21.49 8.30
C PHE A 173 0.40 20.83 9.57
N VAL A 174 -0.07 19.62 9.84
CA VAL A 174 0.26 18.89 11.06
C VAL A 174 1.00 17.62 10.66
N ALA A 175 2.17 17.40 11.25
CA ALA A 175 2.95 16.21 10.91
C ALA A 175 3.74 15.71 12.10
N GLY A 176 3.68 14.41 12.33
CA GLY A 176 4.60 13.80 13.28
C GLY A 176 6.04 13.92 12.81
N VAL A 177 6.96 14.03 13.76
CA VAL A 177 8.36 14.29 13.48
C VAL A 177 9.18 13.07 13.87
N GLY A 178 9.78 12.42 12.88
CA GLY A 178 10.78 11.38 13.12
C GLY A 178 12.16 11.95 12.80
N THR A 179 12.50 11.99 11.52
CA THR A 179 13.64 12.78 11.07
C THR A 179 13.29 14.26 10.97
N GLY A 180 12.01 14.58 10.84
CA GLY A 180 11.61 15.94 10.57
C GLY A 180 11.65 16.32 9.12
N GLY A 181 12.10 15.43 8.22
CA GLY A 181 12.19 15.80 6.81
C GLY A 181 10.85 16.19 6.22
N THR A 182 9.79 15.45 6.55
CA THR A 182 8.47 15.74 6.01
C THR A 182 8.00 17.15 6.39
N ILE A 183 8.00 17.46 7.69
CA ILE A 183 7.49 18.75 8.08
C ILE A 183 8.39 19.86 7.58
N THR A 184 9.70 19.63 7.58
CA THR A 184 10.64 20.64 7.11
C THR A 184 10.41 20.97 5.63
N GLY A 185 10.31 19.94 4.79
CA GLY A 185 10.19 20.16 3.37
C GLY A 185 8.83 20.72 2.97
N VAL A 186 7.75 20.17 3.52
CA VAL A 186 6.42 20.73 3.23
C VAL A 186 6.35 22.18 3.69
N ALA A 187 6.80 22.45 4.93
CA ALA A 187 6.73 23.81 5.44
C ALA A 187 7.60 24.77 4.63
N ARG A 188 8.82 24.34 4.28
CA ARG A 188 9.68 25.21 3.47
C ARG A 188 9.03 25.49 2.12
N PHE A 189 8.39 24.49 1.51
CA PHE A 189 7.74 24.72 0.22
C PHE A 189 6.56 25.68 0.36
N LEU A 190 5.69 25.46 1.34
CA LEU A 190 4.51 26.31 1.47
C LEU A 190 4.87 27.72 1.92
N LYS A 191 5.81 27.86 2.85
CA LYS A 191 6.14 29.18 3.39
C LYS A 191 7.16 29.92 2.51
N HIS A 192 8.21 29.24 2.07
CA HIS A 192 9.27 29.94 1.33
C HIS A 192 9.04 29.98 -0.17
N GLU A 193 8.61 28.86 -0.77
CA GLU A 193 8.45 28.82 -2.22
C GLU A 193 7.12 29.43 -2.65
N LYS A 194 6.04 29.13 -1.93
CA LYS A 194 4.72 29.66 -2.29
C LYS A 194 4.34 30.90 -1.50
N LYS A 195 5.15 31.30 -0.52
CA LYS A 195 4.88 32.48 0.33
C LYS A 195 3.45 32.44 0.87
N HIS A 196 3.01 31.25 1.31
CA HIS A 196 1.65 31.06 1.77
C HIS A 196 1.61 31.00 3.29
N PRO A 197 0.71 31.73 3.96
CA PRO A 197 0.63 31.61 5.41
C PRO A 197 0.07 30.25 5.82
N VAL A 198 0.80 29.54 6.67
CA VAL A 198 0.40 28.20 7.12
C VAL A 198 0.87 28.02 8.56
N HIS A 199 -0.04 27.59 9.44
CA HIS A 199 0.33 27.24 10.81
C HIS A 199 0.85 25.81 10.79
N VAL A 200 2.15 25.63 11.05
CA VAL A 200 2.81 24.34 10.93
C VAL A 200 3.00 23.76 12.33
N VAL A 201 2.49 22.55 12.55
CA VAL A 201 2.44 21.93 13.87
C VAL A 201 3.21 20.62 13.82
N ALA A 202 4.24 20.50 14.67
CA ALA A 202 4.98 19.26 14.84
C ALA A 202 4.36 18.43 15.97
N VAL A 203 4.15 17.14 15.71
CA VAL A 203 3.58 16.22 16.70
C VAL A 203 4.68 15.31 17.21
N GLU A 204 4.77 15.19 18.53
CA GLU A 204 5.75 14.31 19.16
C GLU A 204 5.09 13.58 20.31
N PRO A 205 5.68 12.46 20.77
CA PRO A 205 5.05 11.73 21.88
C PRO A 205 5.13 12.51 23.18
N ALA A 206 4.02 12.50 23.92
CA ALA A 206 4.04 13.04 25.28
C ALA A 206 5.08 12.34 26.15
N ALA A 207 5.34 11.05 25.89
CA ALA A 207 6.32 10.29 26.64
C ALA A 207 7.76 10.61 26.24
N SER A 208 7.97 11.38 25.18
CA SER A 208 9.34 11.76 24.80
C SER A 208 9.31 13.15 24.15
N PRO A 209 8.90 14.22 24.92
CA PRO A 209 8.60 15.54 24.33
C PRO A 209 9.86 16.40 24.21
N VAL A 210 10.79 15.94 23.38
CA VAL A 210 12.13 16.51 23.30
C VAL A 210 12.11 17.83 22.54
N LEU A 211 11.30 17.93 21.49
CA LEU A 211 11.22 19.21 20.76
C LEU A 211 10.72 20.32 21.66
N ALA A 212 9.82 19.99 22.59
CA ALA A 212 9.29 20.96 23.53
C ALA A 212 10.20 21.17 24.73
N GLY A 213 11.37 20.55 24.76
CA GLY A 213 12.33 20.79 25.82
C GLY A 213 12.30 19.77 26.93
N GLY A 214 11.47 18.74 26.83
CA GLY A 214 11.38 17.71 27.84
C GLY A 214 12.42 16.63 27.65
N PRO A 215 12.47 15.71 28.61
CA PRO A 215 13.43 14.60 28.53
C PRO A 215 12.99 13.51 27.56
N ALA A 216 13.97 12.90 26.92
CA ALA A 216 13.68 11.76 26.08
C ALA A 216 13.16 10.61 26.92
N GLY A 217 12.26 9.81 26.34
CA GLY A 217 11.74 8.65 27.03
C GLY A 217 11.26 7.62 26.02
N ARG A 218 10.98 6.43 26.54
CA ARG A 218 10.43 5.34 25.73
C ARG A 218 8.96 5.58 25.43
N HIS A 219 8.57 5.31 24.19
CA HIS A 219 7.19 5.47 23.77
C HIS A 219 6.90 4.44 22.69
N LYS A 220 5.62 4.30 22.36
CA LYS A 220 5.19 3.27 21.43
C LYS A 220 4.78 3.81 20.07
N ILE A 221 5.04 5.09 19.77
CA ILE A 221 4.54 5.69 18.52
C ILE A 221 5.65 5.53 17.49
N GLN A 222 5.67 4.37 16.85
CA GLN A 222 6.76 4.02 15.96
C GLN A 222 6.89 5.01 14.82
N GLY A 223 8.12 5.46 14.57
CA GLY A 223 8.41 6.40 13.52
C GLY A 223 8.57 7.83 13.95
N ILE A 224 8.12 8.20 15.15
CA ILE A 224 8.42 9.53 15.66
C ILE A 224 9.14 9.40 17.00
N GLY A 225 9.35 10.53 17.69
CA GLY A 225 10.01 10.51 18.97
C GLY A 225 11.42 9.92 18.94
N ALA A 226 12.31 10.53 18.15
CA ALA A 226 13.68 10.04 18.08
C ALA A 226 14.43 10.21 19.41
N GLY A 227 13.94 11.06 20.32
CA GLY A 227 14.66 11.31 21.55
C GLY A 227 15.80 12.28 21.43
N PHE A 228 15.93 12.94 20.29
CA PHE A 228 16.88 14.03 20.07
C PHE A 228 16.28 14.91 18.99
N VAL A 229 16.84 16.09 18.79
CA VAL A 229 16.40 17.01 17.75
C VAL A 229 17.23 16.72 16.50
N PRO A 230 16.65 16.16 15.45
CA PRO A 230 17.45 15.81 14.26
C PRO A 230 17.86 17.05 13.48
N ASP A 231 19.03 16.92 12.83
CA ASP A 231 19.53 17.99 11.97
C ASP A 231 18.57 18.29 10.83
N THR A 232 17.80 17.29 10.38
CA THR A 232 16.85 17.46 9.27
C THR A 232 15.55 18.12 9.70
N PHE A 233 15.42 18.50 10.97
CA PHE A 233 14.27 19.23 11.48
C PHE A 233 14.60 20.72 11.51
N ASP A 234 13.82 21.52 10.77
CA ASP A 234 14.01 22.97 10.67
C ASP A 234 12.99 23.66 11.59
N ARG A 235 13.42 24.01 12.80
CA ARG A 235 12.50 24.63 13.76
C ARG A 235 11.97 25.97 13.27
N SER A 236 12.72 26.67 12.41
CA SER A 236 12.31 28.01 11.99
C SER A 236 11.08 28.00 11.08
N VAL A 237 10.72 26.85 10.49
CA VAL A 237 9.51 26.77 9.68
C VAL A 237 8.37 26.08 10.40
N VAL A 238 8.56 25.73 11.67
CA VAL A 238 7.54 25.09 12.50
C VAL A 238 7.04 26.12 13.50
N ASP A 239 5.71 26.23 13.62
CA ASP A 239 5.11 27.23 14.50
C ASP A 239 4.73 26.70 15.87
N GLU A 240 4.54 25.39 16.01
CA GLU A 240 3.95 24.85 17.23
C GLU A 240 4.41 23.41 17.41
N ILE A 241 4.74 23.05 18.65
CA ILE A 241 5.05 21.68 19.05
C ILE A 241 3.88 21.16 19.88
N LEU A 242 3.34 19.99 19.51
CA LEU A 242 2.17 19.44 20.17
C LEU A 242 2.45 17.99 20.56
N SER A 243 2.16 17.63 21.80
CA SER A 243 2.38 16.26 22.23
C SER A 243 1.08 15.46 22.15
N VAL A 244 1.24 14.15 21.95
CA VAL A 244 0.12 13.21 21.91
C VAL A 244 0.55 11.99 22.72
N THR A 245 -0.38 11.44 23.52
CA THR A 245 -0.04 10.28 24.31
C THR A 245 -0.05 9.01 23.46
N ASP A 246 0.64 7.99 23.94
CA ASP A 246 0.61 6.70 23.24
C ASP A 246 -0.83 6.21 23.07
N ASP A 247 -1.66 6.34 24.10
CA ASP A 247 -3.05 5.87 24.02
C ASP A 247 -3.84 6.66 23.00
N GLU A 248 -3.67 7.99 22.98
CA GLU A 248 -4.38 8.79 21.98
C GLU A 248 -3.98 8.37 20.57
N ALA A 249 -2.70 8.13 20.35
CA ALA A 249 -2.22 7.73 19.03
C ALA A 249 -2.80 6.38 18.63
N ILE A 250 -2.74 5.40 19.52
CA ILE A 250 -3.25 4.07 19.21
C ILE A 250 -4.75 4.13 18.95
N GLU A 251 -5.49 4.79 19.83
CA GLU A 251 -6.95 4.84 19.71
C GLU A 251 -7.38 5.59 18.44
N THR A 252 -6.67 6.66 18.10
CA THR A 252 -7.08 7.41 16.91
C THR A 252 -6.73 6.65 15.63
N ALA A 253 -5.65 5.87 15.63
CA ALA A 253 -5.38 4.99 14.49
C ALA A 253 -6.48 3.94 14.33
N ARG A 254 -6.91 3.33 15.43
CA ARG A 254 -8.05 2.40 15.35
C ARG A 254 -9.30 3.08 14.82
N LYS A 255 -9.54 4.34 15.22
CA LYS A 255 -10.74 5.01 14.76
C LYS A 255 -10.63 5.45 13.32
N LEU A 256 -9.41 5.71 12.83
CA LEU A 256 -9.28 6.01 11.40
C LEU A 256 -9.72 4.84 10.56
N ALA A 257 -9.40 3.61 10.99
CA ALA A 257 -9.83 2.44 10.24
C ALA A 257 -11.33 2.23 10.40
N MET A 258 -11.82 2.31 11.63
CA MET A 258 -13.22 2.00 11.94
C MET A 258 -14.18 3.05 11.37
N GLU A 259 -13.85 4.33 11.52
CA GLU A 259 -14.79 5.39 11.18
C GLU A 259 -14.54 6.02 9.81
N GLU A 260 -13.35 5.82 9.21
CA GLU A 260 -13.05 6.39 7.91
C GLU A 260 -12.62 5.36 6.86
N GLY A 261 -12.44 4.11 7.24
CA GLY A 261 -11.92 3.09 6.35
C GLY A 261 -10.52 3.37 5.87
N ILE A 262 -9.69 3.96 6.73
CA ILE A 262 -8.30 4.27 6.41
C ILE A 262 -7.43 3.41 7.33
N SER A 263 -6.87 2.34 6.78
CA SER A 263 -5.99 1.44 7.52
C SER A 263 -4.60 2.05 7.62
N CYS A 264 -4.16 2.35 8.84
CA CYS A 264 -2.94 3.10 8.99
C CYS A 264 -2.25 2.76 10.30
N GLY A 265 -1.01 3.22 10.44
CA GLY A 265 -0.19 2.88 11.57
C GLY A 265 -0.42 3.78 12.79
N ILE A 266 0.38 3.52 13.83
CA ILE A 266 0.21 4.20 15.10
C ILE A 266 0.53 5.68 14.97
N SER A 267 1.61 6.03 14.28
CA SER A 267 1.96 7.44 14.13
C SER A 267 0.95 8.20 13.28
N CYS A 268 0.21 7.49 12.42
CA CYS A 268 -0.94 8.09 11.74
C CYS A 268 -1.98 8.53 12.75
N GLY A 269 -2.25 7.68 13.74
CA GLY A 269 -3.15 8.09 14.82
C GLY A 269 -2.62 9.26 15.62
N ALA A 270 -1.30 9.34 15.81
CA ALA A 270 -0.73 10.47 16.53
C ALA A 270 -0.90 11.76 15.74
N ALA A 271 -0.54 11.73 14.45
CA ALA A 271 -0.68 12.91 13.61
C ALA A 271 -2.13 13.38 13.55
N MET A 272 -3.06 12.44 13.36
CA MET A 272 -4.48 12.79 13.27
C MET A 272 -5.02 13.31 14.59
N ALA A 273 -4.63 12.69 15.71
CA ALA A 273 -5.06 13.21 17.01
C ALA A 273 -4.64 14.66 17.19
N GLY A 274 -3.38 14.97 16.83
CA GLY A 274 -2.94 16.34 16.86
C GLY A 274 -3.71 17.23 15.89
N ALA A 275 -3.89 16.76 14.66
CA ALA A 275 -4.61 17.55 13.66
C ALA A 275 -6.03 17.87 14.11
N LEU A 276 -6.72 16.89 14.70
CA LEU A 276 -8.10 17.10 15.13
C LEU A 276 -8.19 18.10 16.27
N LYS A 277 -7.21 18.09 17.19
CA LYS A 277 -7.17 19.11 18.24
C LYS A 277 -7.03 20.50 17.64
N VAL A 278 -6.05 20.68 16.75
CA VAL A 278 -5.87 21.98 16.10
C VAL A 278 -7.11 22.37 15.31
N ALA A 279 -7.71 21.41 14.60
CA ALA A 279 -8.82 21.73 13.71
C ALA A 279 -10.04 22.22 14.46
N ALA A 280 -10.14 21.93 15.76
CA ALA A 280 -11.28 22.34 16.57
C ALA A 280 -11.13 23.72 17.15
N ARG A 281 -9.94 24.33 17.04
CA ARG A 281 -9.75 25.66 17.62
C ARG A 281 -10.57 26.69 16.86
N PRO A 282 -11.15 27.67 17.57
CA PRO A 282 -12.00 28.68 16.90
C PRO A 282 -11.32 29.41 15.76
N GLU A 283 -10.03 29.68 15.88
CA GLU A 283 -9.35 30.48 14.86
C GLU A 283 -9.26 29.75 13.52
N PHE A 284 -9.45 28.43 13.49
CA PHE A 284 -9.39 27.69 12.23
C PHE A 284 -10.77 27.28 11.74
N ALA A 285 -11.82 27.91 12.27
CA ALA A 285 -13.15 27.69 11.72
C ALA A 285 -13.14 28.04 10.24
N GLY A 286 -13.69 27.14 9.42
CA GLY A 286 -13.71 27.32 7.99
C GLY A 286 -12.38 27.15 7.28
N LYS A 287 -11.33 26.77 7.98
CA LYS A 287 -10.01 26.61 7.37
C LYS A 287 -9.74 25.14 7.05
N THR A 288 -8.65 24.90 6.33
CA THR A 288 -8.26 23.57 5.88
C THR A 288 -7.00 23.11 6.60
N ILE A 289 -7.07 21.95 7.24
CA ILE A 289 -5.97 21.35 7.98
C ILE A 289 -5.55 20.12 7.20
N VAL A 290 -4.26 20.04 6.85
CA VAL A 290 -3.69 18.90 6.13
C VAL A 290 -2.74 18.19 7.08
N THR A 291 -2.83 16.86 7.12
CA THR A 291 -1.90 16.08 7.92
C THR A 291 -1.42 14.90 7.08
N VAL A 292 -0.36 14.27 7.53
CA VAL A 292 0.27 13.15 6.82
C VAL A 292 0.03 11.87 7.61
N LEU A 293 -0.44 10.83 6.92
CA LEU A 293 -0.55 9.50 7.54
C LEU A 293 0.56 8.62 6.96
N PRO A 294 1.64 8.38 7.72
CA PRO A 294 2.87 7.81 7.13
C PRO A 294 2.81 6.40 6.53
N ASP A 295 2.03 5.47 7.04
CA ASP A 295 2.11 4.09 6.51
C ASP A 295 0.78 3.37 6.76
N ALA A 296 0.78 2.04 6.61
CA ALA A 296 -0.44 1.24 6.52
C ALA A 296 -0.59 0.31 7.72
N GLY A 297 -1.85 -0.01 8.05
CA GLY A 297 -2.11 -0.77 9.26
C GLY A 297 -1.56 -2.18 9.25
N GLU A 298 -1.45 -2.81 8.07
CA GLU A 298 -0.99 -4.20 8.02
C GLU A 298 0.43 -4.36 8.54
N ARG A 299 1.24 -3.32 8.47
CA ARG A 299 2.59 -3.37 9.02
C ARG A 299 2.58 -3.40 10.56
N TYR A 300 1.41 -3.41 11.20
CA TYR A 300 1.32 -3.29 12.65
C TYR A 300 0.50 -4.42 13.27
N LEU A 301 0.30 -5.53 12.55
CA LEU A 301 -0.54 -6.62 13.05
C LEU A 301 -0.04 -7.18 14.37
N SER A 302 1.27 -7.13 14.62
CA SER A 302 1.85 -7.73 15.81
C SER A 302 2.08 -6.74 16.94
N THR A 303 1.60 -5.50 16.80
CA THR A 303 1.89 -4.42 17.72
C THR A 303 0.68 -4.12 18.59
N ALA A 304 0.86 -3.17 19.52
CA ALA A 304 -0.24 -2.73 20.37
C ALA A 304 -1.43 -2.19 19.59
N LEU A 305 -1.24 -1.82 18.31
CA LEU A 305 -2.36 -1.29 17.54
C LEU A 305 -3.48 -2.31 17.41
N PHE A 306 -3.15 -3.56 17.15
CA PHE A 306 -4.15 -4.61 17.00
C PHE A 306 -4.32 -5.43 18.28
N GLU A 307 -3.76 -4.96 19.41
CA GLU A 307 -3.85 -5.68 20.68
C GLU A 307 -5.28 -6.05 21.03
N ASN A 308 -6.24 -5.16 20.75
CA ASN A 308 -7.63 -5.38 21.14
C ASN A 308 -8.35 -6.39 20.25
N LEU A 309 -7.77 -6.81 19.12
CA LEU A 309 -8.41 -7.75 18.22
C LEU A 309 -7.73 -9.12 18.20
N ARG A 310 -7.17 -9.54 19.35
CA ARG A 310 -6.34 -10.74 19.45
C ARG A 310 -5.11 -10.63 18.56
N HIS B 1 -3.51 17.51 -11.59
CA HIS B 1 -3.37 17.08 -10.21
C HIS B 1 -4.52 16.14 -9.83
N MET B 2 -4.42 15.54 -8.63
CA MET B 2 -5.54 14.71 -8.23
C MET B 2 -6.57 15.51 -7.46
N PRO B 3 -7.84 15.08 -7.47
CA PRO B 3 -8.85 15.75 -6.66
C PRO B 3 -8.68 15.44 -5.19
N ILE B 4 -9.29 16.28 -4.36
CA ILE B 4 -9.50 15.93 -2.96
C ILE B 4 -10.61 14.89 -2.90
N PHE B 5 -10.33 13.74 -2.30
CA PHE B 5 -11.30 12.65 -2.28
C PHE B 5 -12.24 12.81 -1.08
N LYS B 6 -13.55 12.77 -1.36
CA LYS B 6 -14.53 13.09 -0.32
C LYS B 6 -14.64 11.98 0.72
N ASP B 7 -14.29 10.74 0.35
CA ASP B 7 -14.05 9.67 1.30
C ASP B 7 -13.05 8.71 0.67
N ASN B 8 -12.62 7.73 1.46
CA ASN B 8 -11.54 6.89 0.96
C ASN B 8 -11.96 6.02 -0.21
N SER B 9 -13.26 5.72 -0.36
CA SER B 9 -13.67 4.90 -1.50
C SER B 9 -13.42 5.63 -2.82
N GLU B 10 -13.50 6.96 -2.81
CA GLU B 10 -13.27 7.70 -4.05
C GLU B 10 -11.83 7.62 -4.54
N SER B 11 -10.88 7.30 -3.66
CA SER B 11 -9.46 7.31 -4.02
C SER B 11 -8.97 6.01 -4.68
N ILE B 12 -9.86 5.12 -5.12
CA ILE B 12 -9.44 3.87 -5.74
C ILE B 12 -8.60 4.13 -6.99
N GLY B 13 -7.70 3.20 -7.28
CA GLY B 13 -7.02 3.22 -8.57
C GLY B 13 -5.92 4.26 -8.68
N ARG B 14 -5.73 4.74 -9.91
CA ARG B 14 -4.61 5.62 -10.27
C ARG B 14 -3.28 4.99 -9.85
N THR B 15 -3.10 3.73 -10.23
CA THR B 15 -1.93 2.98 -9.80
C THR B 15 -0.84 3.08 -10.86
N PRO B 16 0.42 2.93 -10.47
CA PRO B 16 1.52 3.17 -11.41
C PRO B 16 1.87 1.95 -12.23
N LEU B 17 2.44 2.22 -13.41
CA LEU B 17 3.08 1.20 -14.25
C LEU B 17 4.60 1.27 -14.05
N VAL B 18 5.20 0.13 -13.77
CA VAL B 18 6.62 0.06 -13.48
C VAL B 18 7.27 -0.92 -14.44
N GLN B 19 8.32 -0.47 -15.11
CA GLN B 19 9.03 -1.31 -16.06
C GLN B 19 9.86 -2.37 -15.34
N ILE B 20 9.76 -3.61 -15.81
CA ILE B 20 10.54 -4.71 -15.26
C ILE B 20 11.86 -4.80 -16.01
N ASN B 21 12.96 -4.88 -15.26
CA ASN B 21 14.29 -4.69 -15.84
C ASN B 21 15.20 -5.90 -15.75
N ARG B 22 15.21 -6.63 -14.63
CA ARG B 22 16.13 -7.75 -14.50
C ARG B 22 15.49 -9.07 -14.86
N LEU B 23 14.23 -9.29 -14.49
CA LEU B 23 13.52 -10.50 -14.93
C LEU B 23 13.38 -10.54 -16.44
N THR B 24 13.50 -9.40 -17.12
CA THR B 24 13.38 -9.30 -18.56
C THR B 24 14.74 -9.23 -19.26
N ALA B 25 15.84 -9.42 -18.52
CA ALA B 25 17.15 -9.23 -19.13
C ALA B 25 17.34 -10.18 -20.30
N GLY B 26 17.75 -9.62 -21.43
CA GLY B 26 17.93 -10.40 -22.64
C GLY B 26 16.74 -10.36 -23.59
N LEU B 27 15.57 -9.95 -23.11
CA LEU B 27 14.39 -9.81 -23.96
C LEU B 27 14.46 -8.51 -24.74
N SER B 28 13.83 -8.49 -25.91
CA SER B 28 13.70 -7.24 -26.65
C SER B 28 12.30 -6.65 -26.55
N SER B 29 11.41 -7.28 -25.80
CA SER B 29 10.13 -6.69 -25.48
C SER B 29 10.22 -5.87 -24.20
N ARG B 30 9.14 -5.16 -23.88
CA ARG B 30 9.06 -4.35 -22.66
C ARG B 30 7.90 -4.88 -21.81
N VAL B 31 8.15 -5.12 -20.53
CA VAL B 31 7.14 -5.63 -19.62
C VAL B 31 6.88 -4.56 -18.56
N LEU B 32 5.64 -4.12 -18.46
CA LEU B 32 5.21 -3.12 -17.49
C LEU B 32 4.26 -3.76 -16.50
N ALA B 33 4.46 -3.48 -15.21
CA ALA B 33 3.68 -4.07 -14.13
C ALA B 33 2.83 -2.98 -13.49
N LYS B 34 1.51 -3.19 -13.43
CA LYS B 34 0.61 -2.23 -12.81
C LYS B 34 0.43 -2.61 -11.35
N ILE B 35 0.73 -1.69 -10.44
CA ILE B 35 0.93 -2.03 -9.01
C ILE B 35 -0.40 -1.77 -8.29
N GLU B 36 -1.27 -2.78 -8.30
CA GLU B 36 -2.57 -2.63 -7.67
C GLU B 36 -2.52 -2.71 -6.15
N GLY B 37 -1.36 -3.05 -5.58
CA GLY B 37 -1.20 -2.96 -4.14
C GLY B 37 -1.31 -1.55 -3.61
N ARG B 38 -1.15 -0.55 -4.47
CA ARG B 38 -1.21 0.85 -4.05
C ARG B 38 -2.63 1.40 -4.23
N ASN B 39 -3.55 0.78 -3.54
CA ASN B 39 -4.97 1.11 -3.54
C ASN B 39 -5.35 1.48 -2.11
N PRO B 40 -6.56 1.99 -1.88
CA PRO B 40 -6.88 2.49 -0.52
C PRO B 40 -6.84 1.44 0.58
N ALA B 41 -7.19 0.18 0.29
CA ALA B 41 -6.96 -0.91 1.24
C ALA B 41 -6.05 -1.97 0.61
N TYR B 42 -5.23 -1.51 -0.34
CA TYR B 42 -4.02 -2.19 -0.79
C TYR B 42 -4.29 -3.45 -1.62
N SER B 43 -5.37 -3.47 -2.41
CA SER B 43 -5.43 -4.46 -3.48
C SER B 43 -6.30 -3.96 -4.64
N VAL B 44 -6.20 -4.67 -5.75
CA VAL B 44 -7.03 -4.45 -6.92
C VAL B 44 -8.54 -4.49 -6.58
N1 LLP B 45 -5.08 -11.85 -7.32
C2 LLP B 45 -5.60 -11.45 -6.14
C2' LLP B 45 -4.75 -11.47 -4.92
C3 LLP B 45 -6.94 -11.03 -6.08
O3 LLP B 45 -7.45 -10.61 -4.87
C4 LLP B 45 -7.75 -11.04 -7.25
C4' LLP B 45 -9.19 -10.58 -7.22
C5 LLP B 45 -7.14 -11.46 -8.48
C6 LLP B 45 -5.80 -11.87 -8.45
C5' LLP B 45 -7.88 -11.52 -9.82
OP4 LLP B 45 -8.59 -10.37 -10.16
P LLP B 45 -9.99 -10.50 -10.85
OP1 LLP B 45 -11.01 -11.00 -9.87
OP2 LLP B 45 -10.37 -9.13 -11.46
OP3 LLP B 45 -9.95 -11.59 -11.89
N LLP B 45 -8.95 -5.27 -5.57
CA LLP B 45 -10.36 -5.43 -5.27
CB LLP B 45 -10.67 -6.52 -4.25
CG LLP B 45 -10.30 -7.92 -4.71
CD LLP B 45 -11.10 -8.32 -5.95
CE LLP B 45 -11.09 -9.85 -6.14
NZ LLP B 45 -9.77 -10.43 -5.90
C LLP B 45 -10.96 -4.17 -4.77
O LLP B 45 -12.18 -4.03 -4.79
N CYS B 46 -10.15 -3.23 -4.28
CA CYS B 46 -10.68 -1.95 -3.82
C CYS B 46 -11.55 -1.27 -4.89
N ARG B 47 -11.14 -1.41 -6.16
CA ARG B 47 -11.93 -0.88 -7.28
C ARG B 47 -13.33 -1.46 -7.31
N ILE B 48 -13.47 -2.78 -7.14
CA ILE B 48 -14.82 -3.35 -7.27
C ILE B 48 -15.59 -3.29 -5.96
N GLY B 49 -14.91 -3.25 -4.82
CA GLY B 49 -15.60 -2.96 -3.57
C GLY B 49 -16.27 -1.60 -3.60
N ALA B 50 -15.55 -0.58 -4.06
CA ALA B 50 -16.15 0.74 -4.24
C ALA B 50 -17.26 0.70 -5.30
N ALA B 51 -16.97 0.12 -6.46
CA ALA B 51 -17.90 0.21 -7.59
C ALA B 51 -19.20 -0.55 -7.32
N MET B 52 -19.12 -1.73 -6.70
CA MET B 52 -20.33 -2.48 -6.43
C MET B 52 -21.20 -1.76 -5.42
N ILE B 53 -20.60 -1.03 -4.48
CA ILE B 53 -21.38 -0.29 -3.50
C ILE B 53 -22.01 0.93 -4.16
N TRP B 54 -21.20 1.70 -4.90
CA TRP B 54 -21.72 2.87 -5.63
C TRP B 54 -22.86 2.48 -6.56
N ASP B 55 -22.67 1.39 -7.30
CA ASP B 55 -23.69 0.96 -8.25
C ASP B 55 -25.00 0.64 -7.54
N ALA B 56 -24.93 -0.05 -6.39
CA ALA B 56 -26.15 -0.40 -5.66
C ALA B 56 -26.81 0.82 -5.05
N GLU B 57 -26.01 1.81 -4.67
CA GLU B 57 -26.57 3.08 -4.22
C GLU B 57 -27.34 3.75 -5.34
N GLN B 58 -26.77 3.74 -6.55
CA GLN B 58 -27.39 4.46 -7.67
C GLN B 58 -28.69 3.78 -8.08
N SER B 59 -28.73 2.44 -8.06
CA SER B 59 -29.91 1.70 -8.47
C SER B 59 -30.93 1.56 -7.35
N GLY B 60 -30.57 1.90 -6.11
CA GLY B 60 -31.47 1.77 -5.00
C GLY B 60 -31.46 0.41 -4.33
N LYS B 61 -30.58 -0.51 -4.74
CA LYS B 61 -30.45 -1.78 -4.05
C LYS B 61 -29.81 -1.62 -2.68
N LEU B 62 -29.14 -0.51 -2.43
CA LEU B 62 -28.47 -0.24 -1.17
C LEU B 62 -28.86 1.16 -0.71
N LYS B 63 -29.43 1.25 0.48
CA LYS B 63 -29.91 2.49 1.07
C LYS B 63 -29.20 2.70 2.40
N PRO B 64 -29.08 3.94 2.88
CA PRO B 64 -28.51 4.15 4.22
C PRO B 64 -29.25 3.30 5.25
N GLY B 65 -28.50 2.74 6.20
CA GLY B 65 -29.07 1.88 7.20
C GLY B 65 -29.18 0.42 6.83
N MET B 66 -29.02 0.06 5.55
CA MET B 66 -29.10 -1.34 5.17
C MET B 66 -27.81 -2.06 5.51
N HIS B 67 -27.88 -3.39 5.49
CA HIS B 67 -26.78 -4.26 5.86
C HIS B 67 -26.20 -4.89 4.59
N VAL B 68 -24.86 -4.90 4.49
CA VAL B 68 -24.16 -5.53 3.36
C VAL B 68 -23.63 -6.88 3.81
N VAL B 69 -23.71 -7.87 2.93
CA VAL B 69 -23.18 -9.20 3.23
C VAL B 69 -22.60 -9.79 1.96
N GLU B 70 -21.48 -10.49 2.10
CA GLU B 70 -20.83 -11.14 0.98
C GLU B 70 -20.06 -12.33 1.53
N PRO B 71 -20.04 -13.47 0.81
CA PRO B 71 -19.11 -14.53 1.18
C PRO B 71 -17.77 -14.29 0.52
N THR B 72 -16.71 -14.02 1.28
CA THR B 72 -15.42 -13.88 0.61
C THR B 72 -14.31 -14.19 1.60
N SER B 73 -13.37 -15.03 1.17
CA SER B 73 -12.21 -15.35 1.99
C SER B 73 -10.94 -14.64 1.52
N GLY B 74 -11.08 -13.54 0.75
CA GLY B 74 -9.93 -12.89 0.15
C GLY B 74 -10.01 -11.37 0.22
N ASN B 75 -9.36 -10.74 -0.76
CA ASN B 75 -9.22 -9.28 -0.78
C ASN B 75 -10.56 -8.56 -0.97
N THR B 76 -11.55 -9.22 -1.58
CA THR B 76 -12.86 -8.56 -1.74
C THR B 76 -13.47 -8.20 -0.40
N GLY B 77 -13.25 -9.03 0.62
CA GLY B 77 -13.75 -8.70 1.95
C GLY B 77 -13.10 -7.46 2.53
N ILE B 78 -11.79 -7.29 2.30
CA ILE B 78 -11.09 -6.10 2.76
C ILE B 78 -11.58 -4.87 2.00
N ALA B 79 -11.83 -5.04 0.69
CA ALA B 79 -12.34 -3.94 -0.12
C ALA B 79 -13.72 -3.51 0.35
N LEU B 80 -14.63 -4.48 0.52
CA LEU B 80 -15.95 -4.13 1.05
C LEU B 80 -15.86 -3.54 2.45
N ALA B 81 -14.92 -4.04 3.28
CA ALA B 81 -14.82 -3.57 4.65
C ALA B 81 -14.44 -2.08 4.72
N PHE B 82 -13.42 -1.64 3.96
CA PHE B 82 -13.02 -0.24 4.04
C PHE B 82 -14.06 0.66 3.39
N VAL B 83 -14.68 0.21 2.29
CA VAL B 83 -15.74 0.99 1.66
C VAL B 83 -16.91 1.19 2.63
N CYS B 84 -17.35 0.10 3.27
CA CYS B 84 -18.49 0.23 4.17
C CYS B 84 -18.15 1.10 5.38
N ALA B 85 -16.90 1.02 5.86
CA ALA B 85 -16.45 1.91 6.92
C ALA B 85 -16.41 3.35 6.44
N ALA B 86 -15.92 3.58 5.22
CA ALA B 86 -15.86 4.94 4.69
C ALA B 86 -17.26 5.51 4.43
N ARG B 87 -18.19 4.69 3.96
CA ARG B 87 -19.49 5.21 3.55
C ARG B 87 -20.59 4.96 4.57
N GLY B 88 -20.32 4.20 5.63
CA GLY B 88 -21.26 4.11 6.73
C GLY B 88 -22.26 2.97 6.68
N TYR B 89 -21.88 1.82 6.12
CA TYR B 89 -22.76 0.66 6.08
C TYR B 89 -22.26 -0.39 7.06
N LYS B 90 -23.18 -1.02 7.78
CA LYS B 90 -22.87 -2.24 8.50
C LYS B 90 -22.55 -3.34 7.49
N LEU B 91 -21.47 -4.07 7.72
CA LEU B 91 -21.02 -5.12 6.82
C LEU B 91 -20.87 -6.43 7.58
N THR B 92 -21.38 -7.51 7.00
CA THR B 92 -21.15 -8.87 7.49
C THR B 92 -20.44 -9.65 6.41
N LEU B 93 -19.38 -10.35 6.77
CA LEU B 93 -18.68 -11.21 5.84
C LEU B 93 -18.75 -12.63 6.36
N THR B 94 -19.04 -13.58 5.47
CA THR B 94 -19.02 -14.99 5.81
C THR B 94 -17.82 -15.64 5.14
N MET B 95 -17.22 -16.61 5.83
CA MET B 95 -16.02 -17.28 5.35
C MET B 95 -15.81 -18.55 6.16
N PRO B 96 -15.13 -19.55 5.59
CA PRO B 96 -14.80 -20.75 6.37
C PRO B 96 -14.01 -20.40 7.61
N GLU B 97 -14.26 -21.14 8.69
CA GLU B 97 -13.72 -20.89 10.02
C GLU B 97 -12.21 -21.10 10.09
N THR B 98 -11.61 -21.46 8.96
CA THR B 98 -10.18 -21.68 8.85
C THR B 98 -9.45 -20.50 8.24
N MET B 99 -10.13 -19.36 8.06
CA MET B 99 -9.43 -18.20 7.56
C MET B 99 -8.39 -17.76 8.59
N SER B 100 -7.23 -17.32 8.10
CA SER B 100 -6.14 -16.93 8.99
C SER B 100 -6.59 -15.83 9.95
N ILE B 101 -5.98 -15.83 11.13
CA ILE B 101 -6.33 -14.80 12.10
C ILE B 101 -5.87 -13.43 11.60
N GLU B 102 -4.76 -13.37 10.86
CA GLU B 102 -4.27 -12.09 10.36
C GLU B 102 -5.30 -11.43 9.46
N ARG B 103 -5.92 -12.20 8.55
CA ARG B 103 -6.92 -11.59 7.69
C ARG B 103 -8.16 -11.19 8.49
N ARG B 104 -8.53 -11.98 9.50
CA ARG B 104 -9.69 -11.63 10.29
C ARG B 104 -9.46 -10.35 11.10
N MET B 105 -8.24 -10.15 11.59
CA MET B 105 -7.94 -8.92 12.32
C MET B 105 -8.08 -7.70 11.40
N MET B 106 -7.58 -7.81 10.18
CA MET B 106 -7.72 -6.71 9.23
C MET B 106 -9.19 -6.39 8.99
N LEU B 107 -10.02 -7.41 8.77
CA LEU B 107 -11.43 -7.17 8.52
C LEU B 107 -12.11 -6.50 9.71
N LYS B 108 -11.83 -6.99 10.92
CA LYS B 108 -12.47 -6.42 12.09
C LYS B 108 -11.97 -5.00 12.40
N SER B 109 -10.79 -4.63 11.93
CA SER B 109 -10.31 -3.27 12.14
C SER B 109 -11.17 -2.25 11.43
N PHE B 110 -11.89 -2.68 10.38
CA PHE B 110 -12.86 -1.83 9.71
C PHE B 110 -14.25 -1.97 10.28
N GLY B 111 -14.43 -2.77 11.34
CA GLY B 111 -15.74 -2.96 11.93
C GLY B 111 -16.62 -3.97 11.24
N ALA B 112 -16.05 -4.84 10.41
CA ALA B 112 -16.85 -5.87 9.77
C ALA B 112 -17.20 -6.98 10.77
N ASP B 113 -18.46 -7.41 10.74
CA ASP B 113 -18.90 -8.57 11.53
C ASP B 113 -18.59 -9.85 10.78
N LEU B 114 -17.89 -10.76 11.43
CA LEU B 114 -17.45 -12.00 10.79
C LEU B 114 -18.31 -13.17 11.24
N VAL B 115 -18.89 -13.87 10.27
CA VAL B 115 -19.61 -15.10 10.53
C VAL B 115 -18.78 -16.24 9.96
N LEU B 116 -18.17 -17.02 10.85
CA LEU B 116 -17.39 -18.18 10.40
C LEU B 116 -18.31 -19.36 10.18
N THR B 117 -18.09 -20.07 9.09
CA THR B 117 -18.85 -21.26 8.78
C THR B 117 -17.95 -22.49 8.90
N PRO B 118 -18.52 -23.67 9.12
CA PRO B 118 -17.70 -24.87 9.35
C PRO B 118 -16.67 -25.11 8.25
N GLY B 119 -15.45 -25.47 8.67
CA GLY B 119 -14.35 -25.59 7.73
C GLY B 119 -14.52 -26.74 6.75
N ALA B 120 -15.14 -27.83 7.20
CA ALA B 120 -15.41 -28.95 6.30
C ALA B 120 -16.29 -28.53 5.14
N ASP B 121 -17.17 -27.55 5.36
CA ASP B 121 -18.06 -27.09 4.30
C ASP B 121 -17.40 -26.13 3.33
N GLY B 122 -16.19 -25.65 3.63
CA GLY B 122 -15.43 -24.83 2.72
C GLY B 122 -16.19 -23.60 2.27
N MET B 123 -15.89 -23.16 1.05
CA MET B 123 -16.52 -21.95 0.52
C MET B 123 -18.01 -22.14 0.27
N LYS B 124 -18.43 -23.36 -0.05
CA LYS B 124 -19.85 -23.64 -0.23
C LYS B 124 -20.65 -23.27 1.02
N GLY B 125 -20.13 -23.63 2.20
CA GLY B 125 -20.85 -23.31 3.42
C GLY B 125 -20.92 -21.82 3.69
N ALA B 126 -19.85 -21.09 3.38
CA ALA B 126 -19.88 -19.64 3.54
C ALA B 126 -20.85 -19.01 2.54
N ILE B 127 -20.90 -19.52 1.31
CA ILE B 127 -21.82 -18.97 0.31
C ILE B 127 -23.26 -19.19 0.76
N SER B 128 -23.58 -20.36 1.30
CA SER B 128 -24.95 -20.64 1.72
C SER B 128 -25.39 -19.73 2.85
N LYS B 129 -24.51 -19.51 3.84
CA LYS B 129 -24.84 -18.63 4.96
C LYS B 129 -25.06 -17.20 4.48
N ALA B 130 -24.22 -16.72 3.56
CA ALA B 130 -24.39 -15.37 3.05
C ALA B 130 -25.70 -15.21 2.28
N GLU B 131 -26.05 -16.21 1.46
CA GLU B 131 -27.30 -16.09 0.71
C GLU B 131 -28.50 -16.11 1.64
N GLU B 132 -28.43 -16.90 2.72
CA GLU B 132 -29.51 -16.88 3.71
C GLU B 132 -29.62 -15.51 4.36
N LEU B 133 -28.50 -14.96 4.83
CA LEU B 133 -28.50 -13.64 5.44
C LEU B 133 -28.97 -12.57 4.46
N ALA B 134 -28.54 -12.66 3.20
CA ALA B 134 -28.90 -11.65 2.20
C ALA B 134 -30.38 -11.65 1.89
N ALA B 135 -31.08 -12.78 2.11
CA ALA B 135 -32.49 -12.84 1.82
C ALA B 135 -33.34 -12.08 2.84
N GLN B 136 -32.75 -11.67 3.96
CA GLN B 136 -33.48 -10.84 4.92
C GLN B 136 -33.76 -9.47 4.32
N PRO B 137 -34.96 -8.93 4.52
CA PRO B 137 -35.21 -7.55 4.10
C PRO B 137 -34.19 -6.61 4.71
N GLY B 138 -33.77 -5.61 3.93
CA GLY B 138 -32.78 -4.66 4.39
C GLY B 138 -31.34 -5.09 4.19
N TRP B 139 -31.10 -6.22 3.53
CA TRP B 139 -29.75 -6.74 3.35
C TRP B 139 -29.41 -6.77 1.86
N PHE B 140 -28.18 -6.34 1.53
CA PHE B 140 -27.70 -6.26 0.16
C PHE B 140 -26.48 -7.17 -0.01
N ILE B 141 -26.46 -7.96 -1.09
CA ILE B 141 -25.33 -8.84 -1.38
C ILE B 141 -24.73 -8.45 -2.73
N PRO B 142 -23.45 -8.07 -2.78
CA PRO B 142 -22.88 -7.55 -4.05
C PRO B 142 -22.71 -8.61 -5.13
N GLN B 143 -22.34 -9.84 -4.75
CA GLN B 143 -22.16 -10.96 -5.68
C GLN B 143 -20.99 -10.71 -6.62
N GLN B 144 -19.76 -10.83 -6.10
CA GLN B 144 -18.60 -10.42 -6.89
C GLN B 144 -18.41 -11.22 -8.17
N PHE B 145 -18.95 -12.44 -8.26
CA PHE B 145 -18.75 -13.26 -9.45
C PHE B 145 -19.83 -13.06 -10.50
N LYS B 146 -20.83 -12.23 -10.22
CA LYS B 146 -21.91 -11.97 -11.18
C LYS B 146 -22.15 -10.50 -11.46
N ASN B 147 -21.69 -9.60 -10.61
CA ASN B 147 -22.08 -8.20 -10.68
C ASN B 147 -21.41 -7.51 -11.87
N PRO B 148 -22.15 -7.05 -12.87
CA PRO B 148 -21.52 -6.34 -13.99
C PRO B 148 -20.75 -5.10 -13.58
N ALA B 149 -21.05 -4.52 -12.40
CA ALA B 149 -20.29 -3.36 -11.96
C ALA B 149 -18.82 -3.69 -11.70
N ASN B 150 -18.49 -4.98 -11.52
CA ASN B 150 -17.13 -5.45 -11.32
C ASN B 150 -16.34 -5.18 -12.61
N PRO B 151 -16.62 -5.84 -13.75
CA PRO B 151 -15.86 -5.47 -14.95
C PRO B 151 -16.03 -4.01 -15.37
N ALA B 152 -17.20 -3.41 -15.12
CA ALA B 152 -17.43 -2.03 -15.55
C ALA B 152 -16.43 -1.06 -14.92
N ILE B 153 -16.04 -1.29 -13.66
CA ILE B 153 -15.13 -0.31 -13.05
C ILE B 153 -13.74 -0.41 -13.70
N HIS B 154 -13.38 -1.59 -14.20
CA HIS B 154 -12.12 -1.75 -14.93
C HIS B 154 -12.19 -1.13 -16.32
N VAL B 155 -13.38 -1.10 -16.94
CA VAL B 155 -13.56 -0.36 -18.19
C VAL B 155 -13.36 1.13 -17.94
N LYS B 156 -13.79 1.62 -16.77
CA LYS B 156 -13.81 3.05 -16.49
C LYS B 156 -12.51 3.56 -15.88
N THR B 157 -11.74 2.71 -15.23
CA THR B 157 -10.57 3.17 -14.49
C THR B 157 -9.30 2.41 -14.94
N THR B 158 -9.21 1.11 -14.62
CA THR B 158 -7.99 0.35 -14.90
C THR B 158 -7.56 0.44 -16.36
N GLY B 159 -8.51 0.28 -17.27
CA GLY B 159 -8.22 0.27 -18.69
C GLY B 159 -7.69 1.60 -19.19
N PRO B 160 -8.43 2.68 -18.94
CA PRO B 160 -7.91 4.00 -19.31
C PRO B 160 -6.56 4.31 -18.69
N GLU B 161 -6.35 3.95 -17.42
CA GLU B 161 -5.04 4.19 -16.81
C GLU B 161 -3.93 3.51 -17.61
N ILE B 162 -4.14 2.26 -18.01
CA ILE B 162 -3.15 1.56 -18.82
C ILE B 162 -2.97 2.24 -20.16
N TRP B 163 -4.09 2.52 -20.83
CA TRP B 163 -4.06 3.18 -22.14
C TRP B 163 -3.32 4.52 -22.05
N ASN B 164 -3.73 5.37 -21.10
CA ASN B 164 -3.20 6.73 -21.04
C ASN B 164 -1.74 6.75 -20.58
N ASP B 165 -1.38 5.97 -19.55
CA ASP B 165 -0.01 6.01 -19.05
C ASP B 165 0.99 5.51 -20.10
N THR B 166 0.61 4.51 -20.90
CA THR B 166 1.47 3.97 -21.96
C THR B 166 1.42 4.80 -23.23
N GLU B 167 0.63 5.87 -23.26
CA GLU B 167 0.42 6.67 -24.46
C GLU B 167 0.06 5.77 -25.64
N GLY B 168 -0.77 4.76 -25.37
CA GLY B 168 -1.31 3.90 -26.40
C GLY B 168 -0.41 2.77 -26.82
N GLN B 169 0.67 2.53 -26.10
CA GLN B 169 1.62 1.48 -26.46
C GLN B 169 1.37 0.30 -25.54
N VAL B 170 0.41 -0.53 -25.93
CA VAL B 170 0.12 -1.76 -25.21
C VAL B 170 -0.32 -2.81 -26.22
N ASP B 171 0.51 -3.84 -26.38
CA ASP B 171 0.28 -4.86 -27.40
C ASP B 171 -0.18 -6.18 -26.83
N VAL B 172 0.10 -6.42 -25.55
CA VAL B 172 -0.29 -7.63 -24.85
C VAL B 172 -0.76 -7.20 -23.46
N PHE B 173 -1.85 -7.79 -22.98
CA PHE B 173 -2.28 -7.60 -21.60
C PHE B 173 -2.45 -8.96 -20.96
N VAL B 174 -1.79 -9.17 -19.82
CA VAL B 174 -1.74 -10.46 -19.15
C VAL B 174 -2.31 -10.28 -17.75
N ALA B 175 -3.26 -11.13 -17.36
CA ALA B 175 -3.92 -10.96 -16.07
C ALA B 175 -4.34 -12.29 -15.48
N GLY B 176 -4.00 -12.50 -14.21
CA GLY B 176 -4.60 -13.60 -13.47
C GLY B 176 -6.10 -13.39 -13.35
N VAL B 177 -6.84 -14.49 -13.35
CA VAL B 177 -8.31 -14.46 -13.36
C VAL B 177 -8.81 -15.04 -12.05
N GLY B 178 -9.45 -14.20 -11.25
CA GLY B 178 -10.19 -14.67 -10.08
C GLY B 178 -11.67 -14.59 -10.42
N THR B 179 -12.23 -13.39 -10.30
CA THR B 179 -13.55 -13.11 -10.87
C THR B 179 -13.49 -12.90 -12.37
N GLY B 180 -12.32 -12.58 -12.92
CA GLY B 180 -12.24 -12.20 -14.31
C GLY B 180 -12.60 -10.76 -14.60
N GLY B 181 -13.04 -9.99 -13.60
CA GLY B 181 -13.45 -8.62 -13.87
C GLY B 181 -12.33 -7.77 -14.45
N THR B 182 -11.12 -7.87 -13.87
CA THR B 182 -9.97 -7.10 -14.37
C THR B 182 -9.71 -7.38 -15.86
N ILE B 183 -9.50 -8.65 -16.21
CA ILE B 183 -9.18 -8.95 -17.59
C ILE B 183 -10.35 -8.58 -18.51
N THR B 184 -11.58 -8.80 -18.05
CA THR B 184 -12.75 -8.50 -18.87
C THR B 184 -12.87 -7.02 -19.15
N GLY B 185 -12.74 -6.20 -18.11
CA GLY B 185 -12.92 -4.78 -18.27
C GLY B 185 -11.78 -4.11 -19.02
N VAL B 186 -10.54 -4.54 -18.76
CA VAL B 186 -9.42 -3.94 -19.48
C VAL B 186 -9.49 -4.31 -20.96
N ALA B 187 -9.80 -5.58 -21.25
CA ALA B 187 -9.88 -6.03 -22.64
C ALA B 187 -11.06 -5.36 -23.37
N ARG B 188 -12.20 -5.23 -22.69
CA ARG B 188 -13.32 -4.52 -23.30
C ARG B 188 -12.93 -3.09 -23.63
N PHE B 189 -12.27 -2.40 -22.70
CA PHE B 189 -11.89 -1.01 -22.94
C PHE B 189 -10.93 -0.90 -24.12
N LEU B 190 -9.88 -1.74 -24.13
CA LEU B 190 -8.86 -1.62 -25.18
C LEU B 190 -9.42 -2.04 -26.54
N LYS B 191 -10.10 -3.18 -26.60
CA LYS B 191 -10.57 -3.72 -27.88
C LYS B 191 -11.82 -3.02 -28.39
N HIS B 192 -12.79 -2.74 -27.51
CA HIS B 192 -14.06 -2.22 -27.96
C HIS B 192 -14.15 -0.70 -27.90
N GLU B 193 -13.68 -0.08 -26.81
CA GLU B 193 -13.80 1.37 -26.75
C GLU B 193 -12.71 2.05 -27.57
N LYS B 194 -11.47 1.55 -27.50
CA LYS B 194 -10.36 2.19 -28.20
C LYS B 194 -10.02 1.52 -29.52
N LYS B 195 -10.73 0.45 -29.88
CA LYS B 195 -10.52 -0.26 -31.16
C LYS B 195 -9.06 -0.64 -31.34
N HIS B 196 -8.42 -1.02 -30.25
CA HIS B 196 -6.98 -1.21 -30.31
C HIS B 196 -6.64 -2.68 -30.34
N PRO B 197 -5.78 -3.13 -31.26
CA PRO B 197 -5.34 -4.53 -31.26
C PRO B 197 -4.48 -4.84 -30.04
N VAL B 198 -4.90 -5.81 -29.25
CA VAL B 198 -4.12 -6.24 -28.10
C VAL B 198 -4.35 -7.74 -27.91
N HIS B 199 -3.25 -8.47 -27.66
CA HIS B 199 -3.32 -9.90 -27.37
C HIS B 199 -3.58 -10.07 -25.88
N VAL B 200 -4.76 -10.58 -25.54
CA VAL B 200 -5.18 -10.65 -24.14
C VAL B 200 -4.99 -12.07 -23.63
N VAL B 201 -4.25 -12.21 -22.53
CA VAL B 201 -3.84 -13.51 -21.99
C VAL B 201 -4.34 -13.64 -20.56
N ALA B 202 -5.18 -14.64 -20.30
CA ALA B 202 -5.60 -14.97 -18.95
C ALA B 202 -4.63 -15.98 -18.35
N VAL B 203 -4.34 -15.84 -17.05
CA VAL B 203 -3.47 -16.76 -16.32
C VAL B 203 -4.29 -17.44 -15.25
N GLU B 204 -4.15 -18.75 -15.14
CA GLU B 204 -4.85 -19.55 -14.14
C GLU B 204 -3.87 -20.58 -13.60
N PRO B 205 -4.17 -21.18 -12.44
CA PRO B 205 -3.27 -22.20 -11.89
C PRO B 205 -3.27 -23.48 -12.72
N ALA B 206 -2.07 -24.00 -12.99
CA ALA B 206 -1.96 -25.33 -13.58
C ALA B 206 -2.73 -26.37 -12.77
N ALA B 207 -2.78 -26.23 -11.46
CA ALA B 207 -3.48 -27.20 -10.63
C ALA B 207 -4.99 -27.02 -10.64
N SER B 208 -5.51 -25.98 -11.28
CA SER B 208 -6.95 -25.78 -11.36
C SER B 208 -7.31 -25.10 -12.67
N PRO B 209 -7.01 -25.80 -13.93
CA PRO B 209 -7.08 -25.10 -15.24
C PRO B 209 -8.48 -25.13 -15.84
N VAL B 210 -9.41 -24.45 -15.15
CA VAL B 210 -10.82 -24.55 -15.45
C VAL B 210 -11.19 -23.74 -16.69
N LEU B 211 -10.60 -22.55 -16.84
CA LEU B 211 -10.86 -21.76 -18.05
C LEU B 211 -10.48 -22.54 -19.30
N ALA B 212 -9.41 -23.33 -19.22
CA ALA B 212 -8.98 -24.16 -20.34
C ALA B 212 -9.82 -25.42 -20.48
N GLY B 213 -10.82 -25.62 -19.61
CA GLY B 213 -11.68 -26.78 -19.66
C GLY B 213 -11.25 -27.94 -18.81
N GLY B 214 -10.26 -27.76 -17.94
CA GLY B 214 -9.78 -28.82 -17.08
C GLY B 214 -10.52 -28.90 -15.78
N PRO B 215 -10.18 -29.89 -14.95
CA PRO B 215 -10.88 -30.04 -13.67
C PRO B 215 -10.41 -29.05 -12.63
N ALA B 216 -11.35 -28.59 -11.81
CA ALA B 216 -10.99 -27.76 -10.66
C ALA B 216 -10.16 -28.56 -9.67
N GLY B 217 -9.27 -27.86 -8.96
CA GLY B 217 -8.43 -28.48 -7.96
C GLY B 217 -7.90 -27.43 -7.01
N ARG B 218 -7.32 -27.91 -5.91
CA ARG B 218 -6.81 -27.02 -4.88
C ARG B 218 -5.42 -26.50 -5.26
N HIS B 219 -5.18 -25.23 -4.96
CA HIS B 219 -3.93 -24.58 -5.34
C HIS B 219 -3.59 -23.52 -4.30
N LYS B 220 -2.39 -22.96 -4.39
CA LYS B 220 -1.92 -22.00 -3.41
C LYS B 220 -1.84 -20.57 -3.94
N ILE B 221 -2.32 -20.33 -5.16
CA ILE B 221 -2.21 -18.99 -5.78
C ILE B 221 -3.46 -18.22 -5.35
N GLN B 222 -3.40 -17.64 -4.15
CA GLN B 222 -4.55 -16.96 -3.57
C GLN B 222 -5.05 -15.84 -4.49
N GLY B 223 -6.36 -15.80 -4.73
CA GLY B 223 -6.97 -14.74 -5.51
C GLY B 223 -7.32 -15.12 -6.94
N ILE B 224 -6.77 -16.22 -7.46
CA ILE B 224 -7.18 -16.72 -8.77
C ILE B 224 -7.60 -18.18 -8.58
N GLY B 225 -7.89 -18.86 -9.69
CA GLY B 225 -8.30 -20.25 -9.63
C GLY B 225 -9.57 -20.48 -8.83
N ALA B 226 -10.67 -19.83 -9.21
CA ALA B 226 -11.91 -19.95 -8.46
C ALA B 226 -12.49 -21.36 -8.49
N GLY B 227 -12.15 -22.17 -9.49
CA GLY B 227 -12.73 -23.49 -9.61
C GLY B 227 -13.96 -23.56 -10.50
N PHE B 228 -14.38 -22.43 -11.08
CA PHE B 228 -15.48 -22.38 -12.01
C PHE B 228 -15.22 -21.19 -12.94
N VAL B 229 -15.98 -21.13 -14.03
CA VAL B 229 -15.91 -20.01 -14.96
C VAL B 229 -16.87 -18.94 -14.46
N PRO B 230 -16.38 -17.81 -13.93
CA PRO B 230 -17.30 -16.82 -13.37
C PRO B 230 -18.06 -16.09 -14.46
N ASP B 231 -19.28 -15.69 -14.13
CA ASP B 231 -20.06 -14.90 -15.07
C ASP B 231 -19.37 -13.59 -15.43
N THR B 232 -18.53 -13.07 -14.53
CA THR B 232 -17.85 -11.82 -14.77
C THR B 232 -16.63 -11.97 -15.67
N PHE B 233 -16.30 -13.20 -16.09
CA PHE B 233 -15.26 -13.49 -17.06
C PHE B 233 -15.89 -13.61 -18.45
N ASP B 234 -15.50 -12.73 -19.37
CA ASP B 234 -16.03 -12.71 -20.73
C ASP B 234 -14.97 -13.33 -21.63
N ARG B 235 -15.13 -14.62 -21.94
CA ARG B 235 -14.16 -15.33 -22.74
C ARG B 235 -13.99 -14.72 -24.12
N SER B 236 -14.99 -14.00 -24.62
CA SER B 236 -14.96 -13.48 -25.98
C SER B 236 -13.95 -12.35 -26.17
N VAL B 237 -13.38 -11.80 -25.10
CA VAL B 237 -12.33 -10.79 -25.21
C VAL B 237 -10.97 -11.32 -24.81
N VAL B 238 -10.87 -12.59 -24.46
CA VAL B 238 -9.61 -13.21 -24.07
C VAL B 238 -9.08 -14.01 -25.26
N ASP B 239 -7.80 -13.83 -25.58
CA ASP B 239 -7.22 -14.49 -26.75
C ASP B 239 -6.45 -15.76 -26.44
N GLU B 240 -5.99 -15.93 -25.20
CA GLU B 240 -5.13 -17.05 -24.85
C GLU B 240 -5.24 -17.29 -23.36
N ILE B 241 -5.09 -18.55 -22.96
CA ILE B 241 -5.13 -18.96 -21.57
C ILE B 241 -3.84 -19.70 -21.25
N LEU B 242 -3.09 -19.22 -20.26
CA LEU B 242 -1.88 -19.87 -19.80
C LEU B 242 -2.07 -20.40 -18.39
N SER B 243 -1.43 -21.52 -18.10
CA SER B 243 -1.43 -22.07 -16.75
C SER B 243 -0.05 -21.88 -16.13
N VAL B 244 -0.03 -21.74 -14.80
CA VAL B 244 1.19 -21.45 -14.06
C VAL B 244 1.20 -22.33 -12.82
N THR B 245 2.34 -22.96 -12.53
CA THR B 245 2.41 -23.82 -11.35
C THR B 245 2.48 -22.98 -10.09
N ASP B 246 2.05 -23.57 -8.97
CA ASP B 246 2.21 -22.92 -7.68
C ASP B 246 3.64 -22.49 -7.44
N ASP B 247 4.59 -23.39 -7.74
CA ASP B 247 6.00 -23.09 -7.46
C ASP B 247 6.53 -21.94 -8.30
N GLU B 248 6.14 -21.86 -9.57
CA GLU B 248 6.69 -20.76 -10.34
C GLU B 248 5.99 -19.44 -10.00
N ALA B 249 4.73 -19.50 -9.53
CA ALA B 249 4.09 -18.29 -9.02
C ALA B 249 4.81 -17.78 -7.78
N ILE B 250 5.04 -18.66 -6.81
CA ILE B 250 5.71 -18.26 -5.58
C ILE B 250 7.12 -17.75 -5.88
N GLU B 251 7.86 -18.49 -6.70
CA GLU B 251 9.23 -18.09 -7.00
C GLU B 251 9.28 -16.74 -7.72
N THR B 252 8.36 -16.52 -8.66
CA THR B 252 8.40 -15.26 -9.40
C THR B 252 8.01 -14.09 -8.49
N ALA B 253 7.09 -14.31 -7.55
CA ALA B 253 6.78 -13.25 -6.59
C ALA B 253 7.98 -12.94 -5.71
N ARG B 254 8.73 -13.97 -5.28
CA ARG B 254 9.95 -13.72 -4.53
C ARG B 254 10.97 -12.96 -5.38
N LYS B 255 11.04 -13.28 -6.67
CA LYS B 255 12.02 -12.63 -7.54
C LYS B 255 11.62 -11.20 -7.86
N LEU B 256 10.32 -10.91 -7.91
CA LEU B 256 9.89 -9.52 -8.07
C LEU B 256 10.39 -8.65 -6.91
N ALA B 257 10.32 -9.15 -5.68
CA ALA B 257 10.85 -8.37 -4.54
C ALA B 257 12.36 -8.25 -4.64
N MET B 258 13.03 -9.39 -4.86
CA MET B 258 14.50 -9.43 -4.81
C MET B 258 15.13 -8.68 -5.99
N GLU B 259 14.64 -8.92 -7.20
CA GLU B 259 15.30 -8.39 -8.39
C GLU B 259 14.72 -7.07 -8.90
N GLU B 260 13.52 -6.68 -8.46
CA GLU B 260 12.92 -5.43 -8.89
C GLU B 260 12.51 -4.50 -7.75
N GLY B 261 12.60 -4.94 -6.50
CA GLY B 261 12.13 -4.11 -5.40
C GLY B 261 10.62 -3.91 -5.39
N ILE B 262 9.86 -4.87 -5.90
CA ILE B 262 8.40 -4.81 -5.92
C ILE B 262 7.89 -5.89 -4.97
N SER B 263 7.40 -5.47 -3.80
CA SER B 263 6.86 -6.41 -2.83
C SER B 263 5.41 -6.75 -3.21
N CYS B 264 5.15 -8.02 -3.52
CA CYS B 264 3.84 -8.36 -4.02
C CYS B 264 3.45 -9.76 -3.59
N GLY B 265 2.18 -10.12 -3.84
CA GLY B 265 1.65 -11.39 -3.42
C GLY B 265 1.93 -12.52 -4.40
N ILE B 266 1.36 -13.69 -4.10
CA ILE B 266 1.65 -14.90 -4.87
C ILE B 266 1.07 -14.80 -6.27
N SER B 267 -0.19 -14.35 -6.39
CA SER B 267 -0.78 -14.21 -7.71
C SER B 267 -0.07 -13.16 -8.56
N CYS B 268 0.65 -12.23 -7.94
CA CYS B 268 1.50 -11.33 -8.72
C CYS B 268 2.58 -12.11 -9.43
N GLY B 269 3.17 -13.09 -8.74
CA GLY B 269 4.14 -13.94 -9.38
C GLY B 269 3.52 -14.79 -10.46
N ALA B 270 2.28 -15.23 -10.25
CA ALA B 270 1.60 -16.01 -11.28
C ALA B 270 1.42 -15.19 -12.54
N ALA B 271 0.90 -13.96 -12.40
CA ALA B 271 0.71 -13.09 -13.54
C ALA B 271 2.02 -12.78 -14.23
N MET B 272 3.05 -12.41 -13.45
CA MET B 272 4.35 -12.07 -14.05
C MET B 272 4.98 -13.28 -14.73
N ALA B 273 4.83 -14.48 -14.15
CA ALA B 273 5.39 -15.67 -14.79
C ALA B 273 4.80 -15.86 -16.18
N GLY B 274 3.47 -15.71 -16.31
CA GLY B 274 2.87 -15.83 -17.63
C GLY B 274 3.28 -14.70 -18.55
N ALA B 275 3.32 -13.48 -18.02
CA ALA B 275 3.73 -12.33 -18.84
C ALA B 275 5.14 -12.52 -19.38
N LEU B 276 6.05 -13.05 -18.55
CA LEU B 276 7.43 -13.19 -18.99
C LEU B 276 7.55 -14.24 -20.09
N LYS B 277 6.74 -15.30 -20.02
CA LYS B 277 6.75 -16.29 -21.09
C LYS B 277 6.29 -15.69 -22.41
N VAL B 278 5.20 -14.90 -22.38
CA VAL B 278 4.72 -14.27 -23.60
C VAL B 278 5.74 -13.25 -24.11
N ALA B 279 6.35 -12.48 -23.20
CA ALA B 279 7.28 -11.42 -23.59
C ALA B 279 8.54 -11.99 -24.24
N ALA B 280 8.89 -13.24 -23.95
CA ALA B 280 10.06 -13.88 -24.55
C ALA B 280 9.79 -14.41 -25.96
N ARG B 281 8.54 -14.49 -26.39
CA ARG B 281 8.28 -14.97 -27.74
C ARG B 281 8.79 -13.98 -28.76
N PRO B 282 9.50 -14.42 -29.80
CA PRO B 282 10.10 -13.45 -30.74
C PRO B 282 9.08 -12.57 -31.44
N GLU B 283 7.84 -13.04 -31.63
CA GLU B 283 6.84 -12.24 -32.32
C GLU B 283 6.45 -10.99 -31.55
N PHE B 284 6.80 -10.89 -30.27
CA PHE B 284 6.54 -9.69 -29.50
C PHE B 284 7.79 -8.84 -29.30
N ALA B 285 8.86 -9.13 -30.02
CA ALA B 285 10.03 -8.26 -30.00
C ALA B 285 9.62 -6.83 -30.28
N GLY B 286 10.10 -5.91 -29.45
CA GLY B 286 9.78 -4.52 -29.61
C GLY B 286 8.40 -4.12 -29.14
N LYS B 287 7.59 -5.05 -28.66
CA LYS B 287 6.22 -4.76 -28.24
C LYS B 287 6.16 -4.55 -26.74
N THR B 288 5.03 -4.05 -26.26
CA THR B 288 4.83 -3.75 -24.85
C THR B 288 3.80 -4.70 -24.26
N ILE B 289 4.21 -5.40 -23.19
CA ILE B 289 3.36 -6.32 -22.46
C ILE B 289 3.05 -5.67 -21.11
N VAL B 290 1.76 -5.54 -20.80
CA VAL B 290 1.30 -4.98 -19.53
C VAL B 290 0.65 -6.11 -18.71
N THR B 291 0.97 -6.17 -17.42
CA THR B 291 0.36 -7.13 -16.52
C THR B 291 -0.01 -6.43 -15.22
N VAL B 292 -0.94 -7.05 -14.49
CA VAL B 292 -1.46 -6.51 -13.24
C VAL B 292 -0.86 -7.30 -12.08
N LEU B 293 -0.35 -6.58 -11.08
CA LEU B 293 0.12 -7.18 -9.83
C LEU B 293 -0.89 -6.85 -8.73
N PRO B 294 -1.76 -7.79 -8.34
CA PRO B 294 -2.96 -7.41 -7.58
C PRO B 294 -2.75 -6.86 -6.17
N ASP B 295 -1.70 -7.23 -5.43
CA ASP B 295 -1.61 -6.73 -4.06
C ASP B 295 -0.16 -6.76 -3.59
N ALA B 296 0.04 -6.60 -2.27
CA ALA B 296 1.34 -6.33 -1.68
C ALA B 296 1.84 -7.51 -0.84
N GLY B 297 3.17 -7.63 -0.73
CA GLY B 297 3.76 -8.79 -0.09
C GLY B 297 3.47 -8.94 1.40
N GLU B 298 3.24 -7.82 2.11
CA GLU B 298 3.11 -7.88 3.55
C GLU B 298 1.87 -8.67 3.99
N ARG B 299 0.85 -8.72 3.15
CA ARG B 299 -0.36 -9.48 3.41
C ARG B 299 -0.12 -10.99 3.36
N TYR B 300 1.11 -11.41 3.06
CA TYR B 300 1.44 -12.82 2.82
C TYR B 300 2.54 -13.32 3.75
N LEU B 301 2.83 -12.59 4.84
CA LEU B 301 3.93 -12.94 5.73
C LEU B 301 3.78 -14.35 6.31
N SER B 302 2.55 -14.80 6.56
CA SER B 302 2.32 -16.09 7.16
C SER B 302 2.01 -17.18 6.14
N THR B 303 2.36 -16.97 4.87
CA THR B 303 2.02 -17.89 3.79
C THR B 303 3.27 -18.53 3.24
N ALA B 304 3.07 -19.40 2.23
CA ALA B 304 4.18 -20.06 1.57
C ALA B 304 5.15 -19.07 0.93
N LEU B 305 4.71 -17.85 0.62
CA LEU B 305 5.57 -16.86 -0.03
C LEU B 305 6.82 -16.59 0.79
N PHE B 306 6.70 -16.63 2.13
CA PHE B 306 7.79 -16.31 3.03
C PHE B 306 8.35 -17.53 3.77
N GLU B 307 8.00 -18.74 3.33
CA GLU B 307 8.53 -19.95 3.99
C GLU B 307 10.06 -19.97 3.95
N ASN B 308 10.66 -19.54 2.85
CA ASN B 308 12.12 -19.58 2.71
C ASN B 308 12.84 -18.57 3.60
N LEU B 309 12.11 -17.64 4.22
CA LEU B 309 12.68 -16.68 5.14
C LEU B 309 12.17 -16.89 6.56
N ARG B 310 11.64 -18.08 6.84
CA ARG B 310 11.07 -18.47 8.13
C ARG B 310 9.96 -17.52 8.58
N GLY C 1 9.47 0.21 24.30
CA GLY C 1 9.29 1.37 23.45
C GLY C 1 10.52 1.82 22.68
N PHE C 2 10.43 2.97 22.02
CA PHE C 2 11.48 3.48 21.15
C PHE C 2 12.14 4.71 21.75
N SER C 3 13.47 4.78 21.62
CA SER C 3 14.23 5.99 21.90
C SER C 3 15.56 5.91 21.16
N GLY C 4 16.27 7.04 21.12
CA GLY C 4 17.58 7.09 20.49
C GLY C 4 17.58 6.99 18.98
N GLY C 5 16.44 7.15 18.32
CA GLY C 5 16.31 6.96 16.90
C GLY C 5 15.74 5.61 16.49
N ASP C 6 15.52 4.73 17.45
CA ASP C 6 14.88 3.45 17.21
C ASP C 6 13.50 3.65 16.57
N GLY C 7 13.18 2.81 15.60
CA GLY C 7 11.85 2.77 15.02
C GLY C 7 11.62 3.66 13.83
N ILE C 8 12.68 4.29 13.31
CA ILE C 8 12.59 5.28 12.24
C ILE C 8 13.36 4.78 11.01
N GLY D 1 -5.15 -25.09 0.12
CA GLY D 1 -5.66 -25.19 -1.23
C GLY D 1 -7.00 -24.50 -1.44
N PHE D 2 -7.09 -23.66 -2.46
CA PHE D 2 -8.28 -22.87 -2.72
C PHE D 2 -9.09 -23.53 -3.84
N SER D 3 -10.41 -23.56 -3.65
CA SER D 3 -11.33 -23.98 -4.70
C SER D 3 -12.71 -23.46 -4.39
N GLY D 4 -13.58 -23.47 -5.39
CA GLY D 4 -14.96 -23.05 -5.22
C GLY D 4 -15.15 -21.59 -4.92
N GLY D 5 -14.21 -20.73 -5.33
CA GLY D 5 -14.26 -19.31 -5.03
C GLY D 5 -13.49 -18.90 -3.78
N ASP D 6 -12.95 -19.86 -3.05
CA ASP D 6 -12.14 -19.57 -1.87
C ASP D 6 -10.96 -18.67 -2.23
N GLY D 7 -10.68 -17.69 -1.36
CA GLY D 7 -9.49 -16.87 -1.47
C GLY D 7 -9.62 -15.65 -2.36
N ILE D 8 -10.83 -15.28 -2.76
CA ILE D 8 -11.03 -14.17 -3.68
C ILE D 8 -11.86 -13.08 -3.00
C1 PEG E . 15.62 11.53 -10.75
O1 PEG E . 16.87 11.11 -10.30
C2 PEG E . 14.61 10.40 -10.52
O2 PEG E . 14.42 9.63 -11.68
C3 PEG E . 15.56 9.39 -12.46
C4 PEG E . 16.40 8.27 -11.85
O4 PEG E . 15.75 7.05 -12.07
C1 PEG F . 1.19 -14.86 -29.77
O1 PEG F . 2.18 -15.70 -29.24
C2 PEG F . 0.04 -15.62 -30.44
O2 PEG F . 0.40 -16.93 -30.84
C3 PEG F . 1.47 -16.99 -31.76
C4 PEG F . 1.17 -16.09 -32.94
O4 PEG F . 1.91 -14.94 -32.76
#